data_4FSC
#
_entry.id   4FSC
#
_cell.length_a   99.589
_cell.length_b   99.589
_cell.length_c   137.850
_cell.angle_alpha   90.00
_cell.angle_beta   90.00
_cell.angle_gamma   120.00
#
_symmetry.space_group_name_H-M   'P 31'
#
_entity_poly.entity_id   1
_entity_poly.type   'polypeptide(L)'
_entity_poly.pdbx_seq_one_letter_code
;MQAEKLGSEIKKIRVLRGLTQKQLSENICHQSEVSRIESGAVYPSMDILQGIAAKLQIPIIHFYEVLIYSDIERKKQFKD
QVIMLCKQKRYKEIYNKVWNELKKEEYHPEFQQFLQWQYYVAAYVLKKVDYEYCILELKKLLNQQLTGIDVYQNLYIENA
IANIYAENGYLKKGIDLFEQILKQLEALHDNEEFDVKVRYNHAKALYLDSRYEESLYQVNKAIEISCRINSMALIGQLYY
QRGECLRKLEYEEAEIEDAYKKASFFFDILEMHAYKEALVNKISRLEHHHHHH
;
_entity_poly.pdbx_strand_id   A,B,C,D
#
# COMPACT_ATOMS: atom_id res chain seq x y z
N ALA A 3 12.81 1.65 -29.95
CA ALA A 3 13.55 0.62 -30.68
C ALA A 3 12.74 0.04 -31.84
N GLU A 4 11.41 -0.02 -31.68
CA GLU A 4 10.47 -0.54 -32.68
C GLU A 4 9.72 0.63 -33.35
N LYS A 5 9.77 1.82 -32.72
CA LYS A 5 9.11 3.05 -33.16
C LYS A 5 9.63 3.63 -34.50
N LEU A 6 10.78 3.11 -35.01
CA LEU A 6 11.39 3.56 -36.27
C LEU A 6 10.42 3.49 -37.46
N GLY A 7 9.92 2.29 -37.77
CA GLY A 7 8.98 2.08 -38.87
C GLY A 7 7.52 2.02 -38.45
N SER A 8 7.23 2.36 -37.17
CA SER A 8 5.88 2.35 -36.59
C SER A 8 5.00 3.45 -37.17
N GLU A 9 5.46 4.72 -37.10
CA GLU A 9 4.73 5.85 -37.66
C GLU A 9 4.90 5.87 -39.18
N ILE A 10 5.99 5.26 -39.70
CA ILE A 10 6.29 5.13 -41.13
C ILE A 10 5.20 4.30 -41.85
N LYS A 11 4.72 3.22 -41.21
CA LYS A 11 3.65 2.34 -41.69
C LYS A 11 2.35 3.15 -41.85
N LYS A 12 2.10 4.11 -40.92
CA LYS A 12 0.94 4.99 -40.90
C LYS A 12 1.12 6.31 -41.68
N ILE A 13 2.39 6.77 -41.86
CA ILE A 13 2.69 8.00 -42.62
C ILE A 13 2.50 7.79 -44.13
N ARG A 14 2.45 6.49 -44.55
CA ARG A 14 2.23 6.01 -45.93
C ARG A 14 0.94 6.58 -46.53
N VAL A 15 -0.09 6.83 -45.69
CA VAL A 15 -1.39 7.37 -46.10
C VAL A 15 -1.32 8.85 -46.50
N THR A 20 1.68 1.76 -51.55
CA THR A 20 2.97 2.30 -51.99
C THR A 20 4.14 1.64 -51.25
N GLN A 21 3.85 0.65 -50.40
CA GLN A 21 4.82 -0.14 -49.62
C GLN A 21 5.76 -0.97 -50.51
N LYS A 22 5.24 -1.40 -51.67
CA LYS A 22 5.92 -2.21 -52.70
C LYS A 22 6.91 -1.34 -53.48
N GLN A 23 6.61 -0.04 -53.62
CA GLN A 23 7.41 0.93 -54.38
C GLN A 23 7.98 2.07 -53.53
N LEU A 24 9.27 1.95 -53.15
CA LEU A 24 10.00 2.94 -52.35
C LEU A 24 11.50 3.10 -52.75
N SER A 25 11.79 2.98 -54.07
CA SER A 25 13.14 3.12 -54.63
C SER A 25 13.08 3.72 -56.04
N SER A 32 11.09 -5.25 -50.61
CA SER A 32 11.56 -6.56 -50.18
C SER A 32 12.02 -6.55 -48.72
N GLU A 33 13.21 -5.99 -48.44
CA GLU A 33 13.78 -5.86 -47.09
C GLU A 33 13.10 -4.74 -46.30
N VAL A 34 12.48 -3.77 -47.02
CA VAL A 34 11.77 -2.58 -46.53
C VAL A 34 10.65 -2.91 -45.53
N SER A 35 10.01 -4.08 -45.70
CA SER A 35 8.89 -4.58 -44.90
C SER A 35 9.29 -5.04 -43.48
N ARG A 36 10.61 -5.12 -43.20
CA ARG A 36 11.18 -5.51 -41.89
C ARG A 36 11.32 -4.29 -40.97
N ILE A 37 11.40 -3.08 -41.57
CA ILE A 37 11.55 -1.79 -40.90
C ILE A 37 10.27 -1.40 -40.13
N GLU A 38 9.09 -1.70 -40.70
CA GLU A 38 7.79 -1.42 -40.05
C GLU A 38 7.51 -2.31 -38.83
N SER A 39 8.24 -3.44 -38.69
CA SER A 39 8.15 -4.37 -37.56
C SER A 39 9.13 -3.95 -36.45
N GLY A 40 10.40 -3.80 -36.81
CA GLY A 40 11.47 -3.41 -35.91
C GLY A 40 12.48 -4.51 -35.65
N ALA A 41 12.71 -5.37 -36.66
CA ALA A 41 13.65 -6.50 -36.57
C ALA A 41 15.11 -6.03 -36.55
N VAL A 42 15.49 -5.17 -37.52
CA VAL A 42 16.83 -4.60 -37.64
C VAL A 42 16.67 -3.08 -37.81
N TYR A 43 17.65 -2.31 -37.30
CA TYR A 43 17.69 -0.85 -37.42
C TYR A 43 18.03 -0.47 -38.88
N PRO A 44 17.41 0.59 -39.45
CA PRO A 44 17.69 0.93 -40.87
C PRO A 44 19.12 1.38 -41.15
N SER A 45 19.61 1.06 -42.38
CA SER A 45 20.95 1.39 -42.86
C SER A 45 21.13 2.90 -43.13
N MET A 46 22.40 3.35 -43.20
CA MET A 46 22.79 4.75 -43.42
C MET A 46 22.22 5.36 -44.69
N ASP A 47 22.29 4.63 -45.82
CA ASP A 47 21.78 5.10 -47.11
C ASP A 47 20.29 4.85 -47.31
N ILE A 48 19.76 3.74 -46.76
CA ILE A 48 18.34 3.35 -46.86
C ILE A 48 17.42 4.33 -46.11
N LEU A 49 17.88 4.85 -44.94
CA LEU A 49 17.16 5.82 -44.10
C LEU A 49 16.87 7.12 -44.84
N GLN A 50 17.83 7.58 -45.67
CA GLN A 50 17.72 8.81 -46.48
C GLN A 50 16.62 8.72 -47.54
N GLY A 51 16.39 7.52 -48.07
CA GLY A 51 15.39 7.23 -49.10
C GLY A 51 13.95 7.49 -48.72
N ILE A 52 13.64 7.49 -47.41
CA ILE A 52 12.30 7.74 -46.88
C ILE A 52 11.97 9.23 -46.98
N ALA A 53 10.68 9.56 -47.32
CA ALA A 53 10.11 10.91 -47.50
C ALA A 53 10.80 11.69 -48.63
N ALA A 54 11.49 10.95 -49.51
CA ALA A 54 12.23 11.46 -50.67
C ALA A 54 12.06 10.52 -51.87
N PRO A 59 12.52 16.51 -41.27
CA PRO A 59 12.46 15.30 -42.10
C PRO A 59 13.49 14.25 -41.65
N ILE A 60 14.78 14.41 -42.03
CA ILE A 60 15.90 13.52 -41.68
C ILE A 60 16.07 13.42 -40.14
N ILE A 61 15.77 14.53 -39.45
CA ILE A 61 15.82 14.64 -37.99
C ILE A 61 14.59 13.97 -37.34
N HIS A 62 13.41 14.05 -37.98
CA HIS A 62 12.16 13.47 -37.45
C HIS A 62 12.14 11.95 -37.30
N PHE A 63 12.85 11.23 -38.20
CA PHE A 63 12.96 9.77 -38.14
C PHE A 63 13.79 9.36 -36.91
N TYR A 64 14.68 10.27 -36.46
CA TYR A 64 15.54 10.12 -35.29
C TYR A 64 14.90 10.74 -34.04
N GLU A 65 14.06 11.79 -34.23
CA GLU A 65 13.37 12.51 -33.16
C GLU A 65 12.44 11.60 -32.37
N VAL A 66 11.73 10.71 -33.08
CA VAL A 66 10.80 9.74 -32.48
C VAL A 66 11.52 8.70 -31.63
N LEU A 67 12.74 8.31 -32.04
CA LEU A 67 13.61 7.35 -31.35
C LEU A 67 14.03 7.85 -29.98
N ILE A 68 14.22 9.18 -29.85
CA ILE A 68 14.59 9.82 -28.58
C ILE A 68 13.35 9.97 -27.71
N TYR A 69 12.21 10.38 -28.31
CA TYR A 69 10.93 10.53 -27.62
C TYR A 69 10.37 9.21 -27.10
N SER A 70 10.66 8.08 -27.80
CA SER A 70 10.24 6.73 -27.38
C SER A 70 11.15 6.28 -26.26
N ASP A 71 12.44 6.66 -26.35
CA ASP A 71 13.47 6.35 -25.37
C ASP A 71 13.15 7.06 -24.06
N ILE A 72 13.09 8.42 -24.09
CA ILE A 72 12.79 9.28 -22.94
C ILE A 72 11.40 9.04 -22.31
N GLU A 73 10.48 8.36 -23.04
CA GLU A 73 9.16 7.99 -22.54
C GLU A 73 9.39 6.89 -21.50
N ARG A 74 9.96 5.74 -21.94
CA ARG A 74 10.27 4.56 -21.13
C ARG A 74 11.35 4.79 -20.07
N LYS A 75 12.28 5.75 -20.32
CA LYS A 75 13.32 6.13 -19.36
C LYS A 75 12.68 6.86 -18.18
N LYS A 76 11.78 7.84 -18.49
CA LYS A 76 11.03 8.62 -17.51
C LYS A 76 10.05 7.74 -16.76
N GLN A 77 9.51 6.70 -17.43
CA GLN A 77 8.61 5.72 -16.83
C GLN A 77 9.38 5.11 -15.65
N PHE A 78 10.60 4.59 -15.94
CA PHE A 78 11.51 4.00 -14.96
C PHE A 78 11.95 5.00 -13.89
N LYS A 79 12.31 6.23 -14.31
CA LYS A 79 12.70 7.29 -13.38
C LYS A 79 11.55 7.64 -12.41
N ASP A 80 10.30 7.63 -12.92
CA ASP A 80 9.10 7.87 -12.12
C ASP A 80 8.66 6.60 -11.37
N GLN A 81 9.21 5.43 -11.76
CA GLN A 81 8.94 4.13 -11.12
C GLN A 81 9.74 3.96 -9.83
N VAL A 82 11.00 4.46 -9.83
CA VAL A 82 11.89 4.40 -8.67
C VAL A 82 11.41 5.36 -7.56
N ILE A 83 10.71 6.46 -7.95
CA ILE A 83 10.14 7.49 -7.07
C ILE A 83 9.09 6.89 -6.14
N MET A 84 8.09 6.19 -6.71
CA MET A 84 7.00 5.54 -5.98
C MET A 84 7.48 4.58 -4.91
N LEU A 85 8.49 3.76 -5.25
CA LEU A 85 9.09 2.78 -4.35
C LEU A 85 9.91 3.45 -3.25
N CYS A 86 10.58 4.59 -3.55
CA CYS A 86 11.40 5.38 -2.62
C CYS A 86 10.53 5.92 -1.49
N LYS A 87 9.31 6.41 -1.83
CA LYS A 87 8.33 6.93 -0.88
C LYS A 87 7.74 5.77 -0.09
N GLN A 88 7.45 4.64 -0.79
CA GLN A 88 6.95 3.39 -0.21
C GLN A 88 7.99 2.77 0.73
N LYS A 89 9.28 3.19 0.56
CA LYS A 89 10.46 2.73 1.29
C LYS A 89 10.72 1.23 1.06
N ARG A 90 10.43 0.77 -0.19
CA ARG A 90 10.60 -0.61 -0.64
C ARG A 90 11.93 -0.74 -1.38
N TYR A 91 13.02 -0.45 -0.64
CA TYR A 91 14.41 -0.43 -1.09
C TYR A 91 14.92 -1.67 -1.79
N LYS A 92 14.58 -2.88 -1.28
CA LYS A 92 15.01 -4.15 -1.89
C LYS A 92 14.42 -4.31 -3.30
N GLU A 93 13.17 -3.83 -3.49
CA GLU A 93 12.50 -3.86 -4.78
C GLU A 93 13.07 -2.81 -5.74
N ILE A 94 13.71 -1.74 -5.18
CA ILE A 94 14.42 -0.71 -5.97
C ILE A 94 15.72 -1.38 -6.40
N TYR A 95 16.48 -1.92 -5.41
CA TYR A 95 17.75 -2.64 -5.55
C TYR A 95 17.68 -3.71 -6.64
N ASN A 96 16.60 -4.51 -6.65
CA ASN A 96 16.36 -5.56 -7.63
C ASN A 96 16.04 -4.99 -9.01
N LYS A 97 15.07 -4.05 -9.09
CA LYS A 97 14.65 -3.39 -10.34
C LYS A 97 15.77 -2.59 -11.00
N VAL A 98 16.66 -2.02 -10.16
CA VAL A 98 17.81 -1.22 -10.60
C VAL A 98 18.98 -2.12 -11.03
N TRP A 99 18.99 -3.40 -10.57
CA TRP A 99 20.01 -4.39 -10.90
C TRP A 99 19.65 -5.10 -12.20
N ASN A 100 18.39 -5.56 -12.33
CA ASN A 100 17.85 -6.24 -13.51
C ASN A 100 17.91 -5.37 -14.76
N GLU A 101 17.68 -4.05 -14.62
CA GLU A 101 17.76 -3.08 -15.70
C GLU A 101 19.24 -2.85 -16.07
N LEU A 102 20.12 -2.80 -15.04
CA LEU A 102 21.56 -2.63 -15.18
C LEU A 102 22.20 -3.87 -15.83
N LYS A 103 21.65 -5.07 -15.50
CA LYS A 103 22.03 -6.39 -16.01
C LYS A 103 21.95 -6.43 -17.55
N LYS A 104 20.93 -5.72 -18.11
CA LYS A 104 20.72 -5.58 -19.55
C LYS A 104 21.84 -4.68 -20.06
N GLU A 105 22.70 -5.23 -20.93
CA GLU A 105 23.82 -4.48 -21.48
C GLU A 105 23.36 -3.36 -22.41
N GLU A 106 23.34 -2.15 -21.87
CA GLU A 106 22.90 -0.94 -22.56
C GLU A 106 23.91 0.17 -22.29
N TYR A 107 24.23 0.98 -23.31
CA TYR A 107 25.17 2.08 -23.18
C TYR A 107 24.48 3.44 -23.18
N HIS A 108 24.55 4.14 -22.02
CA HIS A 108 24.02 5.48 -21.79
C HIS A 108 24.71 6.05 -20.55
N PRO A 109 25.67 7.00 -20.70
CA PRO A 109 26.38 7.52 -19.51
C PRO A 109 25.52 8.26 -18.49
N GLU A 110 24.39 8.84 -18.94
CA GLU A 110 23.45 9.60 -18.13
C GLU A 110 22.46 8.70 -17.37
N PHE A 111 21.95 7.64 -18.04
CA PHE A 111 21.01 6.70 -17.43
C PHE A 111 21.69 5.72 -16.50
N GLN A 112 22.91 5.25 -16.87
CA GLN A 112 23.70 4.31 -16.07
C GLN A 112 24.05 4.95 -14.73
N GLN A 113 24.54 6.22 -14.75
CA GLN A 113 24.91 7.02 -13.57
C GLN A 113 23.76 7.05 -12.55
N PHE A 114 22.52 7.30 -13.02
CA PHE A 114 21.31 7.32 -12.19
C PHE A 114 21.08 5.95 -11.59
N LEU A 115 21.04 4.90 -12.44
CA LEU A 115 20.82 3.50 -12.07
C LEU A 115 21.80 3.12 -10.96
N GLN A 116 23.12 3.26 -11.23
CA GLN A 116 24.16 2.95 -10.26
C GLN A 116 24.14 3.84 -9.00
N TRP A 117 23.64 5.10 -9.11
CA TRP A 117 23.48 6.01 -7.96
C TRP A 117 22.42 5.41 -7.03
N GLN A 118 21.27 5.00 -7.61
CA GLN A 118 20.18 4.38 -6.88
C GLN A 118 20.59 3.04 -6.30
N TYR A 119 21.49 2.30 -7.00
CA TYR A 119 22.01 1.00 -6.58
C TYR A 119 22.90 1.11 -5.34
N TYR A 120 23.88 2.04 -5.35
CA TYR A 120 24.80 2.24 -4.22
C TYR A 120 24.06 2.70 -2.97
N VAL A 121 23.19 3.72 -3.10
CA VAL A 121 22.38 4.25 -2.00
C VAL A 121 21.42 3.19 -1.43
N ALA A 122 20.76 2.39 -2.31
CA ALA A 122 19.85 1.31 -1.91
C ALA A 122 20.61 0.28 -1.08
N ALA A 123 21.82 -0.13 -1.57
CA ALA A 123 22.71 -1.07 -0.89
C ALA A 123 23.10 -0.49 0.46
N TYR A 124 23.41 0.83 0.51
CA TYR A 124 23.74 1.52 1.76
C TYR A 124 22.57 1.48 2.72
N VAL A 125 21.34 1.71 2.19
CA VAL A 125 20.10 1.70 2.97
C VAL A 125 19.85 0.28 3.49
N LEU A 126 19.91 -0.74 2.61
CA LEU A 126 19.75 -2.16 2.93
C LEU A 126 20.91 -2.68 3.81
N LYS A 127 21.87 -1.78 4.15
CA LYS A 127 23.07 -1.99 4.96
C LYS A 127 24.04 -3.03 4.35
N LYS A 128 24.02 -3.13 3.01
CA LYS A 128 24.86 -4.01 2.20
C LYS A 128 26.27 -3.45 2.09
N VAL A 129 26.39 -2.11 1.99
CA VAL A 129 27.67 -1.42 1.91
C VAL A 129 27.89 -0.48 3.11
N ASP A 130 29.14 -0.02 3.31
CA ASP A 130 29.55 0.89 4.37
C ASP A 130 29.17 2.32 3.98
N TYR A 131 29.13 3.24 4.97
CA TYR A 131 28.84 4.65 4.73
C TYR A 131 29.93 5.26 3.83
N GLU A 132 31.21 4.90 4.10
CA GLU A 132 32.38 5.36 3.36
C GLU A 132 32.51 4.70 2.01
N TYR A 133 32.26 3.37 1.92
CA TYR A 133 32.31 2.62 0.66
C TYR A 133 31.34 3.25 -0.34
N CYS A 134 30.12 3.56 0.16
CA CYS A 134 29.05 4.23 -0.59
C CYS A 134 29.55 5.59 -1.12
N ILE A 135 30.12 6.44 -0.22
CA ILE A 135 30.68 7.76 -0.52
C ILE A 135 31.65 7.67 -1.70
N LEU A 136 32.58 6.69 -1.65
CA LEU A 136 33.59 6.44 -2.68
C LEU A 136 32.95 6.05 -4.02
N GLU A 137 32.03 5.05 -3.99
CA GLU A 137 31.33 4.56 -5.18
C GLU A 137 30.43 5.62 -5.79
N LEU A 138 29.97 6.59 -4.96
CA LEU A 138 29.15 7.71 -5.43
C LEU A 138 30.03 8.80 -6.02
N LYS A 139 31.15 9.14 -5.33
CA LYS A 139 32.11 10.16 -5.72
C LYS A 139 32.65 9.99 -7.15
N LYS A 140 32.93 8.73 -7.54
CA LYS A 140 33.44 8.38 -8.87
C LYS A 140 32.51 8.75 -10.02
N LEU A 141 31.18 8.59 -9.82
CA LEU A 141 30.16 8.94 -10.82
C LEU A 141 30.09 10.45 -10.97
N LEU A 142 30.27 11.16 -9.85
CA LEU A 142 30.23 12.61 -9.77
C LEU A 142 31.45 13.28 -10.42
N ASN A 143 32.69 12.87 -10.02
CA ASN A 143 33.90 13.49 -10.57
C ASN A 143 34.24 13.12 -12.02
N GLN A 144 33.60 12.08 -12.58
CA GLN A 144 33.82 11.63 -13.96
C GLN A 144 32.48 11.54 -14.70
N GLN A 145 32.07 12.64 -15.36
CA GLN A 145 30.82 12.72 -16.09
C GLN A 145 30.89 13.59 -17.36
N LEU A 146 29.91 13.42 -18.27
CA LEU A 146 29.75 14.17 -19.51
C LEU A 146 28.25 14.39 -19.78
N THR A 147 27.48 14.67 -18.70
CA THR A 147 26.02 14.88 -18.73
C THR A 147 25.59 16.09 -19.55
N GLY A 148 24.73 15.84 -20.52
CA GLY A 148 24.16 16.84 -21.41
C GLY A 148 22.64 16.84 -21.41
N ILE A 149 22.02 15.91 -20.65
CA ILE A 149 20.56 15.76 -20.54
C ILE A 149 20.03 16.53 -19.32
N ASP A 150 20.25 15.97 -18.11
CA ASP A 150 19.80 16.54 -16.84
C ASP A 150 21.02 16.91 -15.99
N VAL A 151 21.29 18.22 -15.89
CA VAL A 151 22.40 18.79 -15.13
C VAL A 151 22.17 18.63 -13.62
N TYR A 152 20.89 18.56 -13.20
CA TYR A 152 20.47 18.41 -11.82
C TYR A 152 20.73 17.00 -11.27
N GLN A 153 20.97 15.99 -12.14
CA GLN A 153 21.26 14.59 -11.76
C GLN A 153 22.48 14.49 -10.85
N ASN A 154 23.53 15.25 -11.17
CA ASN A 154 24.77 15.31 -10.39
C ASN A 154 24.59 16.05 -9.08
N LEU A 155 23.62 16.98 -9.02
CA LEU A 155 23.30 17.73 -7.81
C LEU A 155 22.62 16.84 -6.78
N TYR A 156 21.73 15.92 -7.23
CA TYR A 156 21.02 14.99 -6.35
C TYR A 156 22.01 14.02 -5.70
N ILE A 157 23.08 13.65 -6.44
CA ILE A 157 24.16 12.77 -6.00
C ILE A 157 24.92 13.43 -4.84
N GLU A 158 25.23 14.74 -4.97
CA GLU A 158 25.91 15.55 -3.95
C GLU A 158 25.10 15.59 -2.67
N ASN A 159 23.77 15.81 -2.79
CA ASN A 159 22.83 15.79 -1.66
C ASN A 159 22.85 14.38 -1.06
N ALA A 160 22.87 13.33 -1.93
CA ALA A 160 22.92 11.92 -1.53
C ALA A 160 24.20 11.63 -0.73
N ILE A 161 25.32 12.28 -1.09
CA ILE A 161 26.59 12.16 -0.37
C ILE A 161 26.49 12.95 0.94
N ALA A 162 26.14 14.26 0.84
CA ALA A 162 26.01 15.19 1.95
C ALA A 162 25.02 14.76 3.03
N ASN A 163 23.81 14.28 2.65
CA ASN A 163 22.82 13.85 3.63
C ASN A 163 23.18 12.53 4.34
N ILE A 164 24.18 11.79 3.82
CA ILE A 164 24.64 10.54 4.45
C ILE A 164 25.91 10.73 5.31
N TYR A 165 25.98 11.89 5.96
CA TYR A 165 27.00 12.33 6.90
C TYR A 165 26.30 12.61 8.24
N ALA A 166 24.94 12.69 8.20
CA ALA A 166 24.06 12.96 9.32
C ALA A 166 24.09 11.85 10.38
N GLU A 167 23.65 10.61 10.04
CA GLU A 167 23.69 9.48 10.97
C GLU A 167 25.11 8.88 10.95
N ASN A 168 26.11 9.77 10.84
CA ASN A 168 27.54 9.47 10.76
C ASN A 168 28.37 10.48 11.56
N GLY A 169 27.83 11.69 11.73
CA GLY A 169 28.44 12.75 12.53
C GLY A 169 29.52 13.59 11.90
N TYR A 170 29.71 13.49 10.57
CA TYR A 170 30.71 14.30 9.86
C TYR A 170 30.04 15.53 9.23
N LEU A 171 28.89 15.92 9.82
CA LEU A 171 28.02 17.05 9.46
C LEU A 171 28.73 18.37 9.18
N LYS A 172 29.91 18.59 9.79
CA LYS A 172 30.75 19.78 9.59
C LYS A 172 31.19 19.83 8.12
N LYS A 173 31.52 18.65 7.54
CA LYS A 173 31.90 18.47 6.14
C LYS A 173 30.63 18.36 5.30
N GLY A 174 29.55 17.88 5.94
CA GLY A 174 28.24 17.73 5.33
C GLY A 174 27.67 19.07 4.91
N ILE A 175 27.70 20.05 5.85
CA ILE A 175 27.23 21.43 5.64
C ILE A 175 28.00 22.11 4.51
N ASP A 176 29.34 21.87 4.42
CA ASP A 176 30.21 22.38 3.37
C ASP A 176 29.67 22.02 1.99
N LEU A 177 29.23 20.75 1.81
CA LEU A 177 28.67 20.27 0.55
C LEU A 177 27.24 20.79 0.32
N PHE A 178 26.49 21.08 1.41
CA PHE A 178 25.14 21.64 1.32
C PHE A 178 25.21 23.12 0.91
N GLU A 179 26.22 23.86 1.42
CA GLU A 179 26.47 25.27 1.09
C GLU A 179 27.00 25.38 -0.34
N GLN A 180 27.66 24.31 -0.83
CA GLN A 180 28.22 24.18 -2.18
C GLN A 180 27.09 24.04 -3.21
N ILE A 181 25.90 23.61 -2.77
CA ILE A 181 24.70 23.46 -3.61
C ILE A 181 24.02 24.84 -3.81
N LEU A 182 24.05 25.72 -2.77
CA LEU A 182 23.50 27.09 -2.79
C LEU A 182 24.08 27.93 -3.94
N LYS A 183 25.39 27.78 -4.20
CA LYS A 183 26.11 28.47 -5.27
C LYS A 183 25.60 28.01 -6.65
N GLN A 184 25.28 26.71 -6.78
CA GLN A 184 24.77 26.06 -7.99
C GLN A 184 23.27 26.28 -8.19
N LEU A 185 22.59 26.76 -7.15
CA LEU A 185 21.15 27.06 -7.14
C LEU A 185 20.82 28.32 -7.95
N GLU A 186 21.69 29.34 -7.88
CA GLU A 186 21.54 30.61 -8.61
C GLU A 186 21.68 30.43 -10.13
N ALA A 187 22.47 29.42 -10.56
CA ALA A 187 22.67 29.09 -11.98
C ALA A 187 21.42 28.36 -12.50
N LEU A 188 20.45 29.16 -13.00
CA LEU A 188 19.13 28.76 -13.52
C LEU A 188 18.29 27.93 -12.54
N HIS A 189 17.53 28.66 -11.70
CA HIS A 189 16.62 28.17 -10.67
C HIS A 189 15.37 27.59 -11.36
N ASP A 190 15.54 26.41 -11.98
CA ASP A 190 14.49 25.71 -12.72
C ASP A 190 13.66 24.84 -11.78
N ASN A 191 14.32 23.96 -11.01
CA ASN A 191 13.67 23.05 -10.08
C ASN A 191 13.80 23.54 -8.64
N GLU A 192 12.68 24.03 -8.09
CA GLU A 192 12.58 24.54 -6.73
C GLU A 192 12.24 23.45 -5.74
N GLU A 193 11.56 22.38 -6.20
CA GLU A 193 11.17 21.23 -5.37
C GLU A 193 12.40 20.56 -4.75
N PHE A 194 13.55 20.61 -5.46
CA PHE A 194 14.81 20.07 -4.97
C PHE A 194 15.43 20.98 -3.92
N ASP A 195 15.27 22.32 -4.07
CA ASP A 195 15.78 23.29 -3.10
C ASP A 195 15.23 22.95 -1.73
N VAL A 196 13.89 22.75 -1.66
CA VAL A 196 13.14 22.38 -0.46
C VAL A 196 13.71 21.08 0.19
N LYS A 197 14.16 20.10 -0.63
CA LYS A 197 14.77 18.86 -0.14
C LYS A 197 16.15 19.11 0.44
N VAL A 198 16.96 19.99 -0.20
CA VAL A 198 18.32 20.33 0.24
C VAL A 198 18.28 21.25 1.48
N ARG A 199 17.54 22.39 1.39
CA ARG A 199 17.40 23.38 2.47
C ARG A 199 16.89 22.73 3.75
N TYR A 200 15.95 21.76 3.63
CA TYR A 200 15.40 21.02 4.76
C TYR A 200 16.47 20.11 5.38
N ASN A 201 17.27 19.43 4.53
CA ASN A 201 18.37 18.55 4.94
C ASN A 201 19.53 19.34 5.54
N HIS A 202 19.72 20.59 5.08
CA HIS A 202 20.74 21.53 5.55
C HIS A 202 20.37 21.96 6.97
N ALA A 203 19.11 22.41 7.14
CA ALA A 203 18.53 22.86 8.40
C ALA A 203 18.34 21.71 9.42
N LYS A 204 18.21 20.46 8.93
CA LYS A 204 18.08 19.25 9.76
C LYS A 204 19.38 19.00 10.52
N ALA A 205 20.53 19.15 9.84
CA ALA A 205 21.89 18.94 10.37
C ALA A 205 22.39 20.11 11.22
N LEU A 206 22.00 21.36 10.87
CA LEU A 206 22.37 22.56 11.62
C LEU A 206 21.83 22.50 13.04
N TYR A 207 20.62 21.96 13.19
CA TYR A 207 19.93 21.74 14.46
C TYR A 207 20.62 20.59 15.22
N LEU A 208 21.17 19.59 14.48
CA LEU A 208 21.89 18.44 15.06
C LEU A 208 23.25 18.81 15.62
N ASP A 209 23.94 19.77 14.94
CA ASP A 209 25.22 20.34 15.35
C ASP A 209 24.98 21.28 16.55
N SER A 210 23.69 21.62 16.79
CA SER A 210 23.14 22.51 17.82
C SER A 210 23.45 24.00 17.59
N ARG A 211 23.38 24.38 16.29
CA ARG A 211 23.55 25.72 15.74
C ARG A 211 22.11 26.21 15.36
N TYR A 212 21.39 26.68 16.38
CA TYR A 212 19.99 27.14 16.29
C TYR A 212 19.82 28.50 15.56
N GLU A 213 20.93 29.12 15.14
CA GLU A 213 20.95 30.42 14.46
C GLU A 213 20.45 30.32 13.01
N GLU A 214 21.31 29.83 12.08
CA GLU A 214 20.98 29.71 10.66
C GLU A 214 20.16 28.47 10.29
N SER A 215 19.75 27.69 11.30
CA SER A 215 18.87 26.52 11.13
C SER A 215 17.46 27.07 10.86
N LEU A 216 17.13 28.21 11.49
CA LEU A 216 15.86 28.93 11.32
C LEU A 216 15.85 29.63 9.96
N TYR A 217 16.99 30.26 9.58
CA TYR A 217 17.16 30.96 8.31
C TYR A 217 16.94 30.01 7.13
N GLN A 218 17.49 28.78 7.22
CA GLN A 218 17.37 27.75 6.20
C GLN A 218 15.94 27.22 6.08
N VAL A 219 15.23 27.10 7.22
CA VAL A 219 13.83 26.67 7.27
C VAL A 219 12.97 27.76 6.60
N ASN A 220 13.05 29.01 7.11
CA ASN A 220 12.30 30.15 6.60
C ASN A 220 12.66 30.58 5.15
N LYS A 221 13.67 29.93 4.54
CA LYS A 221 14.05 30.17 3.15
C LYS A 221 13.39 29.10 2.28
N ALA A 222 13.16 27.89 2.84
CA ALA A 222 12.51 26.76 2.19
C ALA A 222 11.00 26.90 2.28
N ILE A 223 10.48 27.46 3.40
CA ILE A 223 9.06 27.77 3.67
C ILE A 223 8.63 28.81 2.63
N GLU A 224 9.49 29.82 2.39
CA GLU A 224 9.34 30.90 1.42
C GLU A 224 9.16 30.31 0.01
N ILE A 225 9.99 29.30 -0.36
CA ILE A 225 9.96 28.61 -1.65
C ILE A 225 8.71 27.72 -1.79
N SER A 226 8.39 26.93 -0.74
CA SER A 226 7.22 26.03 -0.71
C SER A 226 5.90 26.76 -0.96
N CYS A 227 5.78 28.01 -0.48
CA CYS A 227 4.59 28.84 -0.64
C CYS A 227 4.49 29.43 -2.05
N ARG A 228 5.64 29.66 -2.71
CA ARG A 228 5.69 30.21 -4.08
C ARG A 228 5.67 29.14 -5.17
N ILE A 229 6.10 27.92 -4.84
CA ILE A 229 6.10 26.80 -5.79
C ILE A 229 4.85 25.92 -5.60
N ASN A 230 4.09 26.18 -4.53
CA ASN A 230 2.85 25.48 -4.13
C ASN A 230 3.06 23.97 -3.91
N SER A 231 4.09 23.62 -3.13
CA SER A 231 4.45 22.26 -2.78
C SER A 231 4.52 22.10 -1.27
N MET A 232 3.56 21.37 -0.70
CA MET A 232 3.49 21.10 0.74
C MET A 232 4.20 19.77 1.11
N ALA A 233 5.13 19.33 0.22
CA ALA A 233 5.92 18.10 0.31
C ALA A 233 6.71 17.98 1.62
N LEU A 234 7.47 19.02 1.97
CA LEU A 234 8.28 19.05 3.20
C LEU A 234 7.76 20.04 4.24
N ILE A 235 6.71 20.84 3.88
CA ILE A 235 6.04 21.87 4.68
C ILE A 235 5.68 21.47 6.12
N GLY A 236 5.16 20.26 6.29
CA GLY A 236 4.81 19.72 7.60
C GLY A 236 6.05 19.54 8.46
N GLN A 237 7.08 18.93 7.87
CA GLN A 237 8.38 18.67 8.46
C GLN A 237 9.17 19.98 8.63
N LEU A 238 8.90 20.97 7.76
CA LEU A 238 9.51 22.30 7.71
C LEU A 238 9.03 23.19 8.87
N TYR A 239 7.72 23.17 9.19
CA TYR A 239 7.15 23.95 10.29
C TYR A 239 7.48 23.30 11.63
N TYR A 240 7.59 21.95 11.65
CA TYR A 240 7.96 21.13 12.83
C TYR A 240 9.37 21.50 13.30
N GLN A 241 10.27 21.79 12.33
CA GLN A 241 11.64 22.21 12.61
C GLN A 241 11.65 23.68 13.03
N ARG A 242 10.72 24.51 12.51
CA ARG A 242 10.60 25.92 12.89
C ARG A 242 10.16 26.01 14.36
N GLY A 243 9.17 25.20 14.73
CA GLY A 243 8.64 25.11 16.10
C GLY A 243 9.66 24.59 17.10
N GLU A 244 10.57 23.71 16.64
CA GLU A 244 11.66 23.12 17.44
C GLU A 244 12.88 24.04 17.47
N CYS A 245 13.12 24.81 16.39
CA CYS A 245 14.23 25.76 16.30
C CYS A 245 13.92 26.99 17.17
N LEU A 246 12.62 27.36 17.24
CA LEU A 246 12.16 28.48 18.07
C LEU A 246 12.05 28.06 19.54
N ARG A 247 11.94 26.73 19.79
CA ARG A 247 11.84 26.10 21.12
C ARG A 247 13.08 26.38 21.98
N LYS A 248 14.25 26.52 21.34
CA LYS A 248 15.49 26.82 22.03
C LYS A 248 16.17 28.05 21.41
N LEU A 249 16.22 29.16 22.19
CA LEU A 249 16.80 30.46 21.85
C LEU A 249 16.59 31.46 22.99
N ALA A 254 4.72 32.49 22.09
CA ALA A 254 3.68 32.98 21.19
C ALA A 254 4.01 32.62 19.74
N GLU A 255 5.27 32.86 19.32
CA GLU A 255 5.77 32.54 17.98
C GLU A 255 6.02 31.04 17.85
N ILE A 256 6.33 30.38 18.99
CA ILE A 256 6.60 28.94 19.10
C ILE A 256 5.28 28.17 18.90
N GLU A 257 4.18 28.61 19.56
CA GLU A 257 2.83 28.04 19.44
C GLU A 257 2.29 28.19 18.01
N ASP A 258 2.62 29.34 17.35
CA ASP A 258 2.24 29.70 15.99
C ASP A 258 2.73 28.66 14.97
N ALA A 259 4.05 28.35 14.99
CA ALA A 259 4.66 27.37 14.10
C ALA A 259 4.28 25.93 14.48
N TYR A 260 4.01 25.67 15.80
CA TYR A 260 3.61 24.36 16.35
C TYR A 260 2.24 23.92 15.83
N LYS A 261 1.24 24.83 15.89
CA LYS A 261 -0.13 24.60 15.44
C LYS A 261 -0.22 24.48 13.91
N LYS A 262 0.66 25.24 13.20
CA LYS A 262 0.78 25.27 11.74
C LYS A 262 1.18 23.92 11.17
N ALA A 263 2.21 23.29 11.77
CA ALA A 263 2.74 21.98 11.36
C ALA A 263 1.69 20.88 11.58
N SER A 264 1.23 20.69 12.84
CA SER A 264 0.22 19.72 13.30
C SER A 264 -0.97 19.57 12.37
N PHE A 265 -1.43 20.71 11.80
CA PHE A 265 -2.52 20.83 10.82
C PHE A 265 -2.24 19.96 9.59
N PHE A 266 -1.06 20.13 8.96
CA PHE A 266 -0.66 19.42 7.75
C PHE A 266 -0.56 17.91 7.90
N PHE A 267 0.07 17.45 8.99
CA PHE A 267 0.31 16.04 9.31
C PHE A 267 -0.91 15.12 9.09
N ASP A 268 -2.11 15.57 9.50
CA ASP A 268 -3.33 14.77 9.32
C ASP A 268 -3.88 14.84 7.89
N ILE A 269 -3.97 16.06 7.32
CA ILE A 269 -4.48 16.28 5.95
C ILE A 269 -3.62 15.62 4.86
N LEU A 270 -2.32 15.48 5.12
CA LEU A 270 -1.38 14.83 4.21
C LEU A 270 -1.30 13.32 4.51
N GLU A 271 -2.13 12.84 5.47
CA GLU A 271 -2.27 11.44 5.90
C GLU A 271 -0.99 10.85 6.51
N MET A 272 -0.21 11.69 7.21
CA MET A 272 1.04 11.30 7.87
C MET A 272 0.81 11.18 9.39
N HIS A 273 0.45 9.95 9.84
CA HIS A 273 0.16 9.64 11.24
C HIS A 273 1.42 9.27 12.04
N ALA A 274 2.42 8.66 11.36
CA ALA A 274 3.69 8.24 11.97
C ALA A 274 4.44 9.42 12.58
N TYR A 275 4.48 10.56 11.86
CA TYR A 275 5.12 11.81 12.29
C TYR A 275 4.18 12.61 13.22
N LYS A 276 2.87 12.30 13.20
CA LYS A 276 1.82 12.93 14.02
C LYS A 276 1.85 12.37 15.46
N GLU A 277 2.36 11.13 15.64
CA GLU A 277 2.48 10.45 16.93
C GLU A 277 3.43 11.19 17.89
N ALA A 278 4.58 11.66 17.36
CA ALA A 278 5.62 12.38 18.11
C ALA A 278 5.38 13.91 18.10
N LEU A 279 4.10 14.31 18.23
CA LEU A 279 3.67 15.70 18.24
C LEU A 279 3.16 16.07 19.65
N VAL A 280 2.24 15.25 20.20
CA VAL A 280 1.65 15.39 21.53
C VAL A 280 2.69 15.25 22.66
N ASN A 281 3.76 14.45 22.40
CA ASN A 281 4.87 14.22 23.33
C ASN A 281 5.87 15.41 23.31
N LYS A 282 5.60 16.43 22.46
CA LYS A 282 6.43 17.64 22.29
C LYS A 282 5.75 18.94 22.72
N ILE A 283 4.41 19.04 22.58
CA ILE A 283 3.64 20.24 22.93
C ILE A 283 3.52 20.42 24.45
N SER A 284 2.84 19.49 25.14
CA SER A 284 2.61 19.53 26.57
C SER A 284 3.87 19.18 27.36
N ALA B 3 11.64 -29.48 7.38
CA ALA B 3 12.55 -30.31 6.60
C ALA B 3 13.95 -30.40 7.21
N GLU B 4 14.38 -29.31 7.88
CA GLU B 4 15.68 -29.19 8.55
C GLU B 4 15.51 -29.31 10.06
N LYS B 5 14.26 -29.14 10.54
CA LYS B 5 13.86 -29.18 11.95
C LYS B 5 14.02 -30.55 12.64
N LEU B 6 14.26 -31.63 11.85
CA LEU B 6 14.45 -33.00 12.33
C LEU B 6 15.52 -33.18 13.39
N GLY B 7 16.73 -32.67 13.14
CA GLY B 7 17.85 -32.74 14.06
C GLY B 7 18.21 -31.42 14.69
N SER B 8 17.37 -30.37 14.46
CA SER B 8 17.53 -29.01 14.97
C SER B 8 17.39 -28.94 16.49
N GLU B 9 16.26 -29.46 17.03
CA GLU B 9 16.03 -29.49 18.48
C GLU B 9 16.85 -30.63 19.10
N ILE B 10 17.22 -31.65 18.29
CA ILE B 10 18.05 -32.80 18.71
C ILE B 10 19.46 -32.33 19.14
N LYS B 11 20.03 -31.37 18.39
CA LYS B 11 21.33 -30.75 18.66
C LYS B 11 21.29 -30.05 20.03
N LYS B 12 20.14 -29.42 20.37
CA LYS B 12 19.91 -28.72 21.64
C LYS B 12 19.34 -29.60 22.76
N ILE B 13 18.68 -30.73 22.41
CA ILE B 13 18.12 -31.67 23.40
C ILE B 13 19.23 -32.49 24.08
N ARG B 14 20.44 -32.50 23.46
CA ARG B 14 21.68 -33.15 23.90
C ARG B 14 22.06 -32.70 25.33
N VAL B 15 21.69 -31.45 25.67
CA VAL B 15 21.92 -30.81 26.98
C VAL B 15 21.02 -31.47 28.04
N THR B 20 27.82 -35.39 23.80
CA THR B 20 27.67 -36.82 23.57
C THR B 20 27.34 -37.14 22.11
N GLN B 21 27.98 -36.39 21.18
CA GLN B 21 27.84 -36.54 19.73
C GLN B 21 28.48 -37.86 19.27
N LYS B 22 29.54 -38.28 19.98
CA LYS B 22 30.29 -39.52 19.75
C LYS B 22 29.51 -40.74 20.27
N GLN B 23 28.69 -40.54 21.32
CA GLN B 23 27.89 -41.60 21.95
C GLN B 23 26.55 -41.77 21.22
N LEU B 24 26.30 -42.99 20.68
CA LEU B 24 25.07 -43.34 19.95
C LEU B 24 24.76 -44.85 19.92
N SER B 25 25.71 -45.70 20.40
CA SER B 25 25.62 -47.18 20.48
C SER B 25 25.21 -47.84 19.15
N SER B 32 29.27 -41.25 12.89
CA SER B 32 29.80 -41.06 11.54
C SER B 32 28.81 -40.30 10.65
N GLU B 33 27.77 -40.98 10.14
CA GLU B 33 26.73 -40.38 9.30
C GLU B 33 25.74 -39.55 10.14
N VAL B 34 25.67 -39.85 11.45
CA VAL B 34 24.80 -39.23 12.46
C VAL B 34 24.86 -37.70 12.53
N SER B 35 26.04 -37.12 12.22
CA SER B 35 26.28 -35.68 12.29
C SER B 35 25.57 -34.83 11.22
N ARG B 36 25.19 -35.43 10.06
CA ARG B 36 24.49 -34.73 8.97
C ARG B 36 22.98 -34.57 9.25
N ILE B 37 22.48 -35.35 10.23
CA ILE B 37 21.08 -35.35 10.69
C ILE B 37 20.80 -34.06 11.50
N GLU B 38 21.85 -33.48 12.12
CA GLU B 38 21.78 -32.23 12.89
C GLU B 38 21.44 -31.03 12.00
N SER B 39 21.92 -31.03 10.75
CA SER B 39 21.68 -29.95 9.77
C SER B 39 20.40 -30.23 8.94
N GLY B 40 20.35 -31.39 8.30
CA GLY B 40 19.21 -31.80 7.47
C GLY B 40 19.56 -32.12 6.04
N ALA B 41 20.74 -32.72 5.81
CA ALA B 41 21.24 -33.11 4.49
C ALA B 41 20.43 -34.27 3.92
N VAL B 42 19.97 -35.17 4.81
CA VAL B 42 19.17 -36.35 4.47
C VAL B 42 18.21 -36.68 5.63
N TYR B 43 17.02 -37.21 5.31
CA TYR B 43 16.00 -37.61 6.28
C TYR B 43 16.46 -38.90 6.99
N PRO B 44 16.22 -39.03 8.32
CA PRO B 44 16.68 -40.25 9.02
C PRO B 44 16.00 -41.55 8.60
N SER B 45 16.74 -42.67 8.65
CA SER B 45 16.28 -44.01 8.30
C SER B 45 15.32 -44.57 9.37
N MET B 46 14.52 -45.58 8.99
CA MET B 46 13.52 -46.22 9.86
C MET B 46 14.08 -46.82 11.16
N ASP B 47 15.17 -47.60 11.07
CA ASP B 47 15.80 -48.23 12.23
C ASP B 47 16.66 -47.26 13.03
N ILE B 48 17.27 -46.26 12.37
CA ILE B 48 18.12 -45.23 12.99
C ILE B 48 17.26 -44.26 13.85
N LEU B 49 15.98 -44.03 13.44
CA LEU B 49 15.02 -43.18 14.15
C LEU B 49 14.70 -43.71 15.55
N GLN B 50 14.68 -45.05 15.71
CA GLN B 50 14.40 -45.72 16.97
C GLN B 50 15.50 -45.52 18.03
N GLY B 51 16.75 -45.38 17.56
CA GLY B 51 17.93 -45.20 18.41
C GLY B 51 18.16 -43.79 18.93
N ILE B 52 17.09 -42.97 19.03
CA ILE B 52 17.12 -41.59 19.52
C ILE B 52 16.34 -41.50 20.84
N ALA B 53 16.81 -40.65 21.79
CA ALA B 53 16.30 -40.43 23.16
C ALA B 53 16.41 -41.69 24.03
N ALA B 54 17.14 -42.71 23.52
CA ALA B 54 17.39 -44.00 24.16
C ALA B 54 18.83 -44.46 23.88
N PRO B 59 7.62 -39.45 22.64
CA PRO B 59 9.01 -39.74 22.24
C PRO B 59 9.13 -39.99 20.74
N ILE B 60 8.76 -41.21 20.26
CA ILE B 60 8.80 -41.63 18.84
C ILE B 60 7.90 -40.71 17.98
N ILE B 61 6.79 -40.24 18.57
CA ILE B 61 5.84 -39.31 17.95
C ILE B 61 6.40 -37.87 17.92
N HIS B 62 7.15 -37.45 18.97
CA HIS B 62 7.70 -36.10 19.07
C HIS B 62 8.72 -35.72 17.99
N PHE B 63 9.51 -36.69 17.50
CA PHE B 63 10.49 -36.46 16.43
C PHE B 63 9.76 -36.19 15.11
N TYR B 64 8.52 -36.69 14.99
CA TYR B 64 7.62 -36.52 13.85
C TYR B 64 6.69 -35.33 14.06
N GLU B 65 6.34 -35.03 15.33
CA GLU B 65 5.44 -33.95 15.73
C GLU B 65 5.97 -32.58 15.31
N VAL B 66 7.30 -32.38 15.45
CA VAL B 66 7.99 -31.15 15.09
C VAL B 66 7.98 -30.91 13.58
N LEU B 67 8.05 -31.99 12.79
CA LEU B 67 8.03 -32.00 11.33
C LEU B 67 6.70 -31.48 10.79
N ILE B 68 5.59 -31.76 11.50
CA ILE B 68 4.25 -31.29 11.12
C ILE B 68 4.08 -29.83 11.56
N TYR B 69 4.57 -29.48 12.77
CA TYR B 69 4.51 -28.12 13.30
C TYR B 69 5.37 -27.14 12.52
N SER B 70 6.49 -27.61 11.92
CA SER B 70 7.38 -26.80 11.08
C SER B 70 6.72 -26.62 9.71
N ASP B 71 6.02 -27.69 9.25
CA ASP B 71 5.30 -27.72 7.99
C ASP B 71 4.13 -26.74 8.06
N ILE B 72 3.19 -26.96 9.01
CA ILE B 72 2.00 -26.12 9.23
C ILE B 72 2.31 -24.66 9.59
N GLU B 73 3.56 -24.35 10.01
CA GLU B 73 4.02 -23.00 10.32
C GLU B 73 4.13 -22.27 8.97
N ARG B 74 5.01 -22.79 8.08
CA ARG B 74 5.28 -22.26 6.73
C ARG B 74 4.10 -22.37 5.76
N LYS B 75 3.21 -23.37 5.97
CA LYS B 75 2.00 -23.57 5.17
C LYS B 75 1.02 -22.44 5.49
N LYS B 76 0.80 -22.17 6.81
CA LYS B 76 -0.06 -21.11 7.32
C LYS B 76 0.50 -19.74 6.96
N GLN B 77 1.86 -19.62 6.90
CA GLN B 77 2.53 -18.38 6.49
C GLN B 77 2.01 -18.05 5.09
N PHE B 78 2.10 -19.04 4.16
CA PHE B 78 1.63 -18.95 2.78
C PHE B 78 0.12 -18.73 2.70
N LYS B 79 -0.66 -19.47 3.50
CA LYS B 79 -2.12 -19.33 3.55
C LYS B 79 -2.51 -17.91 4.01
N ASP B 80 -1.75 -17.34 4.97
CA ASP B 80 -1.96 -15.98 5.47
C ASP B 80 -1.32 -14.94 4.53
N GLN B 81 -0.44 -15.40 3.60
CA GLN B 81 0.23 -14.54 2.60
C GLN B 81 -0.71 -14.24 1.43
N VAL B 82 -1.52 -15.23 1.02
CA VAL B 82 -2.49 -15.09 -0.06
C VAL B 82 -3.66 -14.17 0.34
N ILE B 83 -3.97 -14.12 1.66
CA ILE B 83 -5.03 -13.31 2.28
C ILE B 83 -4.76 -11.81 2.06
N MET B 84 -3.54 -11.36 2.44
CA MET B 84 -3.10 -9.96 2.31
C MET B 84 -3.21 -9.43 0.89
N LEU B 85 -2.78 -10.24 -0.08
CA LEU B 85 -2.82 -9.90 -1.51
C LEU B 85 -4.24 -9.88 -2.05
N CYS B 86 -5.13 -10.77 -1.53
CA CYS B 86 -6.55 -10.88 -1.93
C CYS B 86 -7.29 -9.58 -1.57
N LYS B 87 -6.99 -9.01 -0.37
CA LYS B 87 -7.57 -7.76 0.11
C LYS B 87 -6.97 -6.60 -0.69
N GLN B 88 -5.64 -6.66 -0.94
CA GLN B 88 -4.89 -5.70 -1.75
C GLN B 88 -5.38 -5.72 -3.20
N LYS B 89 -6.05 -6.83 -3.60
CA LYS B 89 -6.58 -7.12 -4.94
C LYS B 89 -5.45 -7.21 -5.97
N ARG B 90 -4.29 -7.76 -5.53
CA ARG B 90 -3.06 -7.94 -6.32
C ARG B 90 -3.05 -9.38 -6.85
N TYR B 91 -4.08 -9.70 -7.66
CA TYR B 91 -4.34 -11.01 -8.26
C TYR B 91 -3.21 -11.64 -9.07
N LYS B 92 -2.51 -10.84 -9.91
CA LYS B 92 -1.39 -11.34 -10.73
C LYS B 92 -0.25 -11.82 -9.85
N GLU B 93 -0.02 -11.13 -8.71
CA GLU B 93 1.00 -11.50 -7.72
C GLU B 93 0.58 -12.74 -6.92
N ILE B 94 -0.74 -13.02 -6.84
CA ILE B 94 -1.29 -14.24 -6.21
C ILE B 94 -1.02 -15.35 -7.22
N TYR B 95 -1.49 -15.14 -8.48
CA TYR B 95 -1.35 -16.03 -9.64
C TYR B 95 0.09 -16.52 -9.81
N ASN B 96 1.08 -15.60 -9.70
CA ASN B 96 2.51 -15.90 -9.82
C ASN B 96 3.01 -16.68 -8.61
N LYS B 97 2.73 -16.20 -7.38
CA LYS B 97 3.13 -16.85 -6.12
C LYS B 97 2.52 -18.23 -5.94
N VAL B 98 1.30 -18.43 -6.46
CA VAL B 98 0.57 -19.68 -6.40
C VAL B 98 1.04 -20.66 -7.49
N TRP B 99 1.68 -20.14 -8.56
CA TRP B 99 2.23 -20.92 -9.67
C TRP B 99 3.64 -21.40 -9.32
N ASN B 100 4.51 -20.49 -8.83
CA ASN B 100 5.90 -20.78 -8.43
C ASN B 100 5.96 -21.81 -7.31
N GLU B 101 5.01 -21.77 -6.36
CA GLU B 101 4.91 -22.72 -5.25
C GLU B 101 4.43 -24.08 -5.80
N LEU B 102 3.47 -24.04 -6.75
CA LEU B 102 2.90 -25.21 -7.42
C LEU B 102 3.96 -25.89 -8.32
N LYS B 103 4.83 -25.06 -8.94
CA LYS B 103 5.95 -25.45 -9.82
C LYS B 103 6.89 -26.40 -9.08
N LYS B 104 7.08 -26.17 -7.76
CA LYS B 104 7.90 -26.99 -6.88
C LYS B 104 7.15 -28.30 -6.69
N GLU B 105 7.75 -29.41 -7.15
CA GLU B 105 7.13 -30.73 -7.07
C GLU B 105 7.03 -31.20 -5.62
N GLU B 106 5.83 -31.04 -5.06
CA GLU B 106 5.51 -31.39 -3.67
C GLU B 106 4.18 -32.14 -3.66
N TYR B 107 4.08 -33.19 -2.85
CA TYR B 107 2.86 -33.99 -2.74
C TYR B 107 2.12 -33.73 -1.43
N HIS B 108 0.92 -33.13 -1.53
CA HIS B 108 0.01 -32.83 -0.42
C HIS B 108 -1.39 -32.59 -1.02
N PRO B 109 -2.33 -33.55 -0.88
CA PRO B 109 -3.67 -33.37 -1.50
C PRO B 109 -4.49 -32.19 -0.97
N GLU B 110 -4.25 -31.77 0.28
CA GLU B 110 -4.94 -30.66 0.93
C GLU B 110 -4.35 -29.29 0.62
N PHE B 111 -3.01 -29.20 0.49
CA PHE B 111 -2.33 -27.94 0.16
C PHE B 111 -2.41 -27.64 -1.34
N GLN B 112 -2.30 -28.68 -2.18
CA GLN B 112 -2.39 -28.57 -3.64
C GLN B 112 -3.76 -28.03 -4.05
N GLN B 113 -4.84 -28.63 -3.48
CA GLN B 113 -6.23 -28.25 -3.70
C GLN B 113 -6.45 -26.75 -3.48
N PHE B 114 -5.91 -26.21 -2.36
CA PHE B 114 -5.97 -24.78 -2.02
C PHE B 114 -5.24 -23.97 -3.08
N LEU B 115 -3.97 -24.32 -3.36
CA LEU B 115 -3.10 -23.67 -4.34
C LEU B 115 -3.82 -23.57 -5.67
N GLN B 116 -4.25 -24.72 -6.23
CA GLN B 116 -4.97 -24.78 -7.50
C GLN B 116 -6.34 -24.09 -7.47
N TRP B 117 -7.00 -24.02 -6.29
CA TRP B 117 -8.27 -23.30 -6.11
C TRP B 117 -8.01 -21.81 -6.32
N GLN B 118 -6.96 -21.29 -5.66
CA GLN B 118 -6.54 -19.90 -5.76
C GLN B 118 -6.05 -19.57 -7.17
N TYR B 119 -5.44 -20.56 -7.87
CA TYR B 119 -4.93 -20.44 -9.24
C TYR B 119 -6.06 -20.27 -10.26
N TYR B 120 -7.08 -21.15 -10.20
CA TYR B 120 -8.23 -21.10 -11.12
C TYR B 120 -9.02 -19.81 -10.95
N VAL B 121 -9.37 -19.44 -9.71
CA VAL B 121 -10.10 -18.22 -9.41
C VAL B 121 -9.32 -16.96 -9.81
N ALA B 122 -7.98 -16.93 -9.55
CA ALA B 122 -7.11 -15.81 -9.92
C ALA B 122 -7.12 -15.63 -11.43
N ALA B 123 -6.98 -16.75 -12.19
CA ALA B 123 -7.02 -16.78 -13.64
C ALA B 123 -8.37 -16.27 -14.11
N TYR B 124 -9.47 -16.68 -13.44
CA TYR B 124 -10.82 -16.23 -13.75
C TYR B 124 -10.93 -14.72 -13.52
N VAL B 125 -10.33 -14.22 -12.41
CA VAL B 125 -10.32 -12.80 -12.05
C VAL B 125 -9.52 -12.02 -13.10
N LEU B 126 -8.28 -12.48 -13.39
CA LEU B 126 -7.39 -11.89 -14.40
C LEU B 126 -7.95 -12.06 -15.84
N LYS B 127 -9.15 -12.69 -15.95
CA LYS B 127 -9.91 -12.98 -17.17
C LYS B 127 -9.15 -13.90 -18.15
N LYS B 128 -8.28 -14.76 -17.59
CA LYS B 128 -7.48 -15.76 -18.30
C LYS B 128 -8.34 -16.95 -18.69
N VAL B 129 -9.30 -17.34 -17.82
CA VAL B 129 -10.22 -18.45 -18.08
C VAL B 129 -11.68 -17.97 -18.13
N ASP B 130 -12.59 -18.82 -18.65
CA ASP B 130 -14.02 -18.57 -18.76
C ASP B 130 -14.68 -18.80 -17.42
N TYR B 131 -15.91 -18.28 -17.23
CA TYR B 131 -16.69 -18.47 -16.00
C TYR B 131 -17.00 -19.97 -15.83
N GLU B 132 -17.36 -20.65 -16.94
CA GLU B 132 -17.69 -22.07 -16.98
C GLU B 132 -16.46 -22.95 -16.86
N TYR B 133 -15.36 -22.60 -17.57
CA TYR B 133 -14.09 -23.34 -17.52
C TYR B 133 -13.61 -23.41 -16.08
N CYS B 134 -13.69 -22.26 -15.37
CA CYS B 134 -13.35 -22.10 -13.96
C CYS B 134 -14.21 -23.06 -13.11
N ILE B 135 -15.55 -23.02 -13.28
CA ILE B 135 -16.54 -23.87 -12.59
C ILE B 135 -16.14 -25.33 -12.69
N LEU B 136 -15.80 -25.79 -13.91
CA LEU B 136 -15.38 -27.17 -14.20
C LEU B 136 -14.08 -27.53 -13.47
N GLU B 137 -13.04 -26.67 -13.60
CA GLU B 137 -11.73 -26.88 -12.97
C GLU B 137 -11.82 -26.81 -11.45
N LEU B 138 -12.84 -26.11 -10.91
CA LEU B 138 -13.08 -26.03 -9.47
C LEU B 138 -13.86 -27.25 -9.00
N LYS B 139 -14.91 -27.66 -9.76
CA LYS B 139 -15.77 -28.80 -9.46
C LYS B 139 -15.01 -30.10 -9.25
N LYS B 140 -13.96 -30.34 -10.07
CA LYS B 140 -13.12 -31.55 -9.99
C LYS B 140 -12.41 -31.72 -8.65
N LEU B 141 -12.02 -30.60 -8.01
CA LEU B 141 -11.37 -30.61 -6.69
C LEU B 141 -12.38 -31.05 -5.63
N LEU B 142 -13.64 -30.64 -5.82
CA LEU B 142 -14.76 -30.92 -4.93
C LEU B 142 -15.24 -32.37 -4.98
N ASN B 143 -15.59 -32.90 -6.18
CA ASN B 143 -16.12 -34.26 -6.33
C ASN B 143 -15.19 -35.42 -5.97
N GLN B 144 -13.86 -35.17 -5.98
CA GLN B 144 -12.86 -36.17 -5.61
C GLN B 144 -11.77 -35.59 -4.70
N GLN B 145 -11.85 -35.94 -3.40
CA GLN B 145 -10.95 -35.46 -2.33
C GLN B 145 -10.80 -36.45 -1.18
N LEU B 146 -9.72 -36.27 -0.38
CA LEU B 146 -9.38 -37.10 0.79
C LEU B 146 -9.92 -36.49 2.10
N THR B 147 -9.98 -35.14 2.18
CA THR B 147 -10.41 -34.31 3.31
C THR B 147 -9.80 -34.72 4.68
N GLY B 148 -8.50 -34.46 4.80
CA GLY B 148 -7.72 -34.77 5.99
C GLY B 148 -7.70 -33.64 7.01
N ILE B 149 -7.14 -32.47 6.63
CA ILE B 149 -7.03 -31.31 7.52
C ILE B 149 -8.28 -30.38 7.57
N ASP B 150 -8.28 -29.28 6.78
CA ASP B 150 -9.34 -28.26 6.77
C ASP B 150 -10.65 -28.77 6.15
N VAL B 151 -11.66 -28.95 7.01
CA VAL B 151 -12.99 -29.42 6.62
C VAL B 151 -13.77 -28.28 5.93
N TYR B 152 -13.44 -27.03 6.32
CA TYR B 152 -14.04 -25.81 5.79
C TYR B 152 -13.45 -25.41 4.42
N GLN B 153 -12.30 -26.02 4.02
CA GLN B 153 -11.59 -25.76 2.76
C GLN B 153 -12.45 -26.05 1.55
N ASN B 154 -13.22 -27.15 1.62
CA ASN B 154 -14.12 -27.59 0.57
C ASN B 154 -15.38 -26.71 0.50
N LEU B 155 -15.74 -26.07 1.62
CA LEU B 155 -16.88 -25.16 1.71
C LEU B 155 -16.54 -23.84 1.02
N TYR B 156 -15.28 -23.36 1.17
CA TYR B 156 -14.79 -22.12 0.58
C TYR B 156 -14.84 -22.20 -0.96
N ILE B 157 -14.59 -23.41 -1.51
CA ILE B 157 -14.63 -23.71 -2.95
C ILE B 157 -16.07 -23.59 -3.46
N GLU B 158 -17.04 -24.13 -2.68
CA GLU B 158 -18.48 -24.07 -2.98
C GLU B 158 -18.96 -22.63 -3.08
N ASN B 159 -18.54 -21.78 -2.11
CA ASN B 159 -18.84 -20.35 -2.10
C ASN B 159 -18.19 -19.71 -3.33
N ALA B 160 -16.93 -20.11 -3.64
CA ALA B 160 -16.17 -19.63 -4.80
C ALA B 160 -16.89 -19.96 -6.12
N ILE B 161 -17.54 -21.14 -6.18
CA ILE B 161 -18.32 -21.57 -7.34
C ILE B 161 -19.64 -20.76 -7.36
N ALA B 162 -20.39 -20.79 -6.24
CA ALA B 162 -21.69 -20.12 -6.06
C ALA B 162 -21.65 -18.60 -6.25
N ASN B 163 -20.63 -17.91 -5.69
CA ASN B 163 -20.52 -16.46 -5.85
C ASN B 163 -20.13 -16.02 -7.26
N ILE B 164 -19.64 -16.96 -8.11
CA ILE B 164 -19.28 -16.64 -9.49
C ILE B 164 -20.37 -17.02 -10.51
N TYR B 165 -21.62 -16.85 -10.07
CA TYR B 165 -22.86 -17.04 -10.82
C TYR B 165 -23.59 -15.69 -10.83
N ALA B 166 -23.14 -14.75 -9.96
CA ALA B 166 -23.66 -13.39 -9.79
C ALA B 166 -23.49 -12.53 -11.04
N GLU B 167 -22.23 -12.22 -11.44
CA GLU B 167 -21.96 -11.43 -12.66
C GLU B 167 -22.04 -12.37 -13.88
N ASN B 168 -22.99 -13.33 -13.82
CA ASN B 168 -23.24 -14.36 -14.83
C ASN B 168 -24.74 -14.60 -15.01
N GLY B 169 -25.53 -14.31 -13.96
CA GLY B 169 -26.98 -14.40 -13.98
C GLY B 169 -27.62 -15.75 -13.75
N TYR B 170 -26.84 -16.76 -13.32
CA TYR B 170 -27.37 -18.10 -13.04
C TYR B 170 -27.65 -18.25 -11.53
N LEU B 171 -27.87 -17.09 -10.88
CA LEU B 171 -28.15 -16.89 -9.45
C LEU B 171 -29.21 -17.82 -8.85
N LYS B 172 -30.15 -18.31 -9.68
CA LYS B 172 -31.20 -19.26 -9.28
C LYS B 172 -30.53 -20.57 -8.83
N LYS B 173 -29.47 -20.99 -9.55
CA LYS B 173 -28.66 -22.16 -9.24
C LYS B 173 -27.62 -21.78 -8.19
N GLY B 174 -27.26 -20.49 -8.16
CA GLY B 174 -26.31 -19.92 -7.21
C GLY B 174 -26.83 -20.01 -5.79
N ILE B 175 -28.10 -19.60 -5.58
CA ILE B 175 -28.81 -19.63 -4.30
C ILE B 175 -28.93 -21.07 -3.77
N ASP B 176 -29.18 -22.04 -4.68
CA ASP B 176 -29.26 -23.48 -4.36
C ASP B 176 -27.99 -23.94 -3.66
N LEU B 177 -26.81 -23.52 -4.17
CA LEU B 177 -25.52 -23.87 -3.58
C LEU B 177 -25.24 -23.08 -2.29
N PHE B 178 -25.80 -21.86 -2.15
CA PHE B 178 -25.67 -21.04 -0.95
C PHE B 178 -26.51 -21.63 0.19
N GLU B 179 -27.72 -22.14 -0.14
CA GLU B 179 -28.65 -22.79 0.80
C GLU B 179 -28.08 -24.16 1.22
N GLN B 180 -27.26 -24.77 0.34
CA GLN B 180 -26.58 -26.05 0.55
C GLN B 180 -25.47 -25.91 1.59
N ILE B 181 -24.97 -24.67 1.81
CA ILE B 181 -23.93 -24.34 2.79
C ILE B 181 -24.56 -24.22 4.20
N LEU B 182 -25.82 -23.70 4.30
CA LEU B 182 -26.60 -23.56 5.54
C LEU B 182 -26.75 -24.90 6.29
N LYS B 183 -26.97 -26.00 5.53
CA LYS B 183 -27.10 -27.37 6.07
C LYS B 183 -25.78 -27.83 6.70
N GLN B 184 -24.64 -27.44 6.07
CA GLN B 184 -23.27 -27.78 6.49
C GLN B 184 -22.77 -26.87 7.62
N LEU B 185 -23.47 -25.75 7.86
CA LEU B 185 -23.16 -24.77 8.89
C LEU B 185 -23.48 -25.30 10.30
N GLU B 186 -24.58 -26.06 10.45
CA GLU B 186 -25.02 -26.66 11.71
C GLU B 186 -24.05 -27.75 12.20
N ALA B 187 -23.37 -28.44 11.27
CA ALA B 187 -22.39 -29.48 11.57
C ALA B 187 -21.09 -28.81 12.07
N LEU B 188 -21.02 -28.61 13.41
CA LEU B 188 -19.95 -27.94 14.17
C LEU B 188 -19.57 -26.53 13.66
N HIS B 189 -20.28 -25.52 14.21
CA HIS B 189 -20.13 -24.10 13.92
C HIS B 189 -18.84 -23.57 14.56
N ASP B 190 -17.71 -23.82 13.89
CA ASP B 190 -16.37 -23.44 14.35
C ASP B 190 -15.99 -22.05 13.87
N ASN B 191 -16.14 -21.79 12.55
CA ASN B 191 -15.79 -20.52 11.92
C ASN B 191 -17.02 -19.71 11.50
N GLU B 192 -17.34 -18.69 12.29
CA GLU B 192 -18.48 -17.79 12.09
C GLU B 192 -18.14 -16.69 11.10
N GLU B 193 -16.84 -16.35 10.97
CA GLU B 193 -16.35 -15.31 10.05
C GLU B 193 -16.66 -15.69 8.60
N PHE B 194 -16.70 -17.00 8.28
CA PHE B 194 -17.04 -17.50 6.95
C PHE B 194 -18.55 -17.42 6.70
N ASP B 195 -19.37 -17.63 7.76
CA ASP B 195 -20.84 -17.52 7.67
C ASP B 195 -21.19 -16.14 7.14
N VAL B 196 -20.60 -15.10 7.76
CA VAL B 196 -20.77 -13.68 7.40
C VAL B 196 -20.41 -13.44 5.91
N LYS B 197 -19.39 -14.13 5.36
CA LYS B 197 -19.00 -14.02 3.95
C LYS B 197 -20.04 -14.70 3.04
N VAL B 198 -20.58 -15.87 3.45
CA VAL B 198 -21.59 -16.60 2.67
C VAL B 198 -22.96 -15.91 2.74
N ARG B 199 -23.45 -15.63 3.98
CA ARG B 199 -24.76 -14.98 4.23
C ARG B 199 -24.85 -13.64 3.51
N TYR B 200 -23.73 -12.88 3.47
CA TYR B 200 -23.67 -11.60 2.78
C TYR B 200 -23.75 -11.80 1.26
N ASN B 201 -23.06 -12.82 0.72
CA ASN B 201 -23.07 -13.19 -0.70
C ASN B 201 -24.42 -13.76 -1.13
N HIS B 202 -25.12 -14.43 -0.18
CA HIS B 202 -26.44 -15.02 -0.38
C HIS B 202 -27.45 -13.88 -0.52
N ALA B 203 -27.42 -12.92 0.43
CA ALA B 203 -28.26 -11.73 0.50
C ALA B 203 -27.97 -10.72 -0.63
N LYS B 204 -26.72 -10.75 -1.16
CA LYS B 204 -26.29 -9.88 -2.27
C LYS B 204 -27.03 -10.26 -3.56
N ALA B 205 -27.16 -11.58 -3.82
CA ALA B 205 -27.82 -12.18 -4.99
C ALA B 205 -29.34 -12.17 -4.89
N LEU B 206 -29.90 -12.34 -3.67
CA LEU B 206 -31.35 -12.32 -3.42
C LEU B 206 -31.93 -10.97 -3.80
N TYR B 207 -31.19 -9.89 -3.52
CA TYR B 207 -31.53 -8.52 -3.86
C TYR B 207 -31.38 -8.29 -5.38
N LEU B 208 -30.44 -9.03 -6.04
CA LEU B 208 -30.20 -8.96 -7.48
C LEU B 208 -31.30 -9.65 -8.28
N ASP B 209 -31.84 -10.75 -7.73
CA ASP B 209 -32.97 -11.51 -8.28
C ASP B 209 -34.27 -10.70 -8.07
N SER B 210 -34.17 -9.65 -7.20
CA SER B 210 -35.23 -8.73 -6.76
C SER B 210 -36.27 -9.37 -5.83
N ARG B 211 -35.77 -10.25 -4.94
CA ARG B 211 -36.47 -10.97 -3.88
C ARG B 211 -36.08 -10.27 -2.56
N TYR B 212 -36.74 -9.14 -2.28
CA TYR B 212 -36.52 -8.27 -1.12
C TYR B 212 -37.00 -8.87 0.23
N GLU B 213 -37.62 -10.07 0.19
CA GLU B 213 -38.16 -10.77 1.36
C GLU B 213 -37.06 -11.35 2.25
N GLU B 214 -36.48 -12.50 1.84
CA GLU B 214 -35.44 -13.18 2.62
C GLU B 214 -34.03 -12.63 2.44
N SER B 215 -33.90 -11.51 1.69
CA SER B 215 -32.63 -10.79 1.51
C SER B 215 -32.35 -10.04 2.82
N LEU B 216 -33.43 -9.60 3.50
CA LEU B 216 -33.40 -8.91 4.80
C LEU B 216 -33.12 -9.92 5.92
N TYR B 217 -33.75 -11.13 5.84
CA TYR B 217 -33.56 -12.21 6.81
C TYR B 217 -32.09 -12.63 6.85
N GLN B 218 -31.48 -12.82 5.66
CA GLN B 218 -30.09 -13.21 5.48
C GLN B 218 -29.10 -12.18 6.01
N VAL B 219 -29.40 -10.87 5.80
CA VAL B 219 -28.58 -9.76 6.29
C VAL B 219 -28.65 -9.79 7.82
N ASN B 220 -29.86 -9.73 8.39
CA ASN B 220 -30.11 -9.74 9.83
C ASN B 220 -29.72 -11.04 10.56
N LYS B 221 -29.31 -12.08 9.81
CA LYS B 221 -28.83 -13.34 10.36
C LYS B 221 -27.29 -13.29 10.43
N ALA B 222 -26.67 -12.50 9.54
CA ALA B 222 -25.22 -12.28 9.47
C ALA B 222 -24.83 -11.13 10.41
N ILE B 223 -25.73 -10.12 10.56
CA ILE B 223 -25.61 -8.97 11.46
C ILE B 223 -25.58 -9.50 12.91
N GLU B 224 -26.49 -10.46 13.20
CA GLU B 224 -26.63 -11.16 14.47
C GLU B 224 -25.32 -11.84 14.86
N ILE B 225 -24.68 -12.54 13.89
CA ILE B 225 -23.40 -13.25 14.05
C ILE B 225 -22.23 -12.28 14.23
N SER B 226 -22.15 -11.23 13.38
CA SER B 226 -21.10 -10.20 13.43
C SER B 226 -21.01 -9.50 14.79
N CYS B 227 -22.15 -9.32 15.47
CA CYS B 227 -22.23 -8.70 16.79
C CYS B 227 -21.80 -9.66 17.90
N ARG B 228 -22.00 -10.99 17.70
CA ARG B 228 -21.62 -12.01 18.68
C ARG B 228 -20.19 -12.54 18.48
N ILE B 229 -19.66 -12.44 17.26
CA ILE B 229 -18.30 -12.88 16.94
C ILE B 229 -17.31 -11.70 16.99
N ASN B 230 -17.84 -10.46 17.11
CA ASN B 230 -17.11 -9.20 17.17
C ASN B 230 -16.22 -8.95 15.94
N SER B 231 -16.80 -9.11 14.74
CA SER B 231 -16.15 -8.91 13.46
C SER B 231 -16.94 -7.92 12.62
N MET B 232 -16.39 -6.72 12.43
CA MET B 232 -17.01 -5.67 11.63
C MET B 232 -16.53 -5.70 10.17
N ALA B 233 -16.03 -6.89 9.74
CA ALA B 233 -15.48 -7.18 8.41
C ALA B 233 -16.44 -6.88 7.26
N LEU B 234 -17.69 -7.36 7.36
CA LEU B 234 -18.72 -7.14 6.33
C LEU B 234 -19.87 -6.23 6.84
N ILE B 235 -19.84 -5.86 8.13
CA ILE B 235 -20.81 -5.02 8.85
C ILE B 235 -21.24 -3.73 8.13
N GLY B 236 -20.27 -3.02 7.54
CA GLY B 236 -20.51 -1.80 6.79
C GLY B 236 -21.33 -2.08 5.55
N GLN B 237 -20.93 -3.12 4.82
CA GLN B 237 -21.56 -3.64 3.61
C GLN B 237 -22.90 -4.30 3.93
N LEU B 238 -23.03 -4.87 5.15
CA LEU B 238 -24.24 -5.53 5.62
C LEU B 238 -25.35 -4.54 5.97
N TYR B 239 -25.02 -3.43 6.65
CA TYR B 239 -26.01 -2.41 7.00
C TYR B 239 -26.44 -1.64 5.75
N TYR B 240 -25.51 -1.48 4.77
CA TYR B 240 -25.75 -0.82 3.48
C TYR B 240 -26.81 -1.59 2.69
N GLN B 241 -26.78 -2.94 2.80
CA GLN B 241 -27.75 -3.82 2.16
C GLN B 241 -29.06 -3.79 2.93
N ARG B 242 -29.02 -3.62 4.28
CA ARG B 242 -30.22 -3.52 5.11
C ARG B 242 -30.98 -2.23 4.75
N GLY B 243 -30.24 -1.12 4.61
CA GLY B 243 -30.79 0.19 4.23
C GLY B 243 -31.37 0.20 2.83
N GLU B 244 -30.80 -0.61 1.92
CA GLU B 244 -31.24 -0.77 0.53
C GLU B 244 -32.36 -1.80 0.41
N CYS B 245 -32.39 -2.82 1.29
CA CYS B 245 -33.44 -3.85 1.31
C CYS B 245 -34.70 -3.25 1.91
N LEU B 246 -34.55 -2.33 2.89
CA LEU B 246 -35.67 -1.63 3.53
C LEU B 246 -36.18 -0.50 2.62
N ARG B 247 -35.32 -0.02 1.69
CA ARG B 247 -35.61 1.04 0.72
C ARG B 247 -36.76 0.66 -0.22
N LYS B 248 -36.93 -0.63 -0.52
CA LYS B 248 -38.00 -1.13 -1.37
C LYS B 248 -38.79 -2.25 -0.68
N GLU B 253 -39.48 5.13 6.33
CA GLU B 253 -38.31 6.02 6.23
C GLU B 253 -37.59 6.21 7.57
N ALA B 254 -38.21 5.75 8.69
CA ALA B 254 -37.66 5.83 10.04
C ALA B 254 -36.66 4.68 10.27
N GLU B 255 -37.06 3.44 9.90
CA GLU B 255 -36.22 2.25 10.00
C GLU B 255 -35.16 2.24 8.91
N ILE B 256 -35.45 2.88 7.77
CA ILE B 256 -34.57 3.01 6.61
C ILE B 256 -33.41 3.96 6.95
N GLU B 257 -33.72 5.13 7.58
CA GLU B 257 -32.74 6.13 8.04
C GLU B 257 -31.81 5.52 9.12
N ASP B 258 -32.38 4.65 9.99
CA ASP B 258 -31.70 3.95 11.08
C ASP B 258 -30.54 3.10 10.58
N ALA B 259 -30.81 2.21 9.59
CA ALA B 259 -29.80 1.35 8.98
C ALA B 259 -28.85 2.13 8.07
N TYR B 260 -29.32 3.23 7.46
CA TYR B 260 -28.56 4.11 6.56
C TYR B 260 -27.43 4.84 7.30
N LYS B 261 -27.76 5.45 8.46
CA LYS B 261 -26.82 6.18 9.31
C LYS B 261 -25.82 5.24 10.00
N LYS B 262 -26.27 4.00 10.31
CA LYS B 262 -25.49 2.94 10.95
C LYS B 262 -24.31 2.50 10.07
N ALA B 263 -24.59 2.26 8.77
CA ALA B 263 -23.60 1.84 7.77
C ALA B 263 -22.54 2.92 7.56
N SER B 264 -22.97 4.14 7.11
CA SER B 264 -22.17 5.34 6.84
C SER B 264 -21.07 5.61 7.88
N PHE B 265 -21.39 5.36 9.17
CA PHE B 265 -20.53 5.48 10.34
C PHE B 265 -19.26 4.60 10.16
N PHE B 266 -19.46 3.29 9.88
CA PHE B 266 -18.39 2.31 9.72
C PHE B 266 -17.42 2.60 8.59
N PHE B 267 -17.94 2.95 7.41
CA PHE B 267 -17.21 3.24 6.19
C PHE B 267 -15.97 4.13 6.38
N ASP B 268 -16.09 5.20 7.20
CA ASP B 268 -14.97 6.09 7.47
C ASP B 268 -13.98 5.54 8.49
N ILE B 269 -14.49 4.99 9.63
CA ILE B 269 -13.67 4.41 10.69
C ILE B 269 -12.87 3.18 10.26
N LEU B 270 -13.40 2.44 9.29
CA LEU B 270 -12.73 1.27 8.72
C LEU B 270 -11.84 1.66 7.52
N GLU B 271 -11.75 2.99 7.25
CA GLU B 271 -10.95 3.63 6.20
C GLU B 271 -11.33 3.20 4.77
N MET B 272 -12.64 2.97 4.55
CA MET B 272 -13.20 2.58 3.26
C MET B 272 -13.91 3.79 2.61
N HIS B 273 -13.17 4.55 1.81
CA HIS B 273 -13.66 5.74 1.11
C HIS B 273 -14.31 5.44 -0.23
N ALA B 274 -13.85 4.37 -0.92
CA ALA B 274 -14.35 3.93 -2.23
C ALA B 274 -15.84 3.60 -2.16
N TYR B 275 -16.26 2.87 -1.10
CA TYR B 275 -17.65 2.48 -0.83
C TYR B 275 -18.43 3.64 -0.17
N LYS B 276 -17.71 4.64 0.41
CA LYS B 276 -18.27 5.83 1.05
C LYS B 276 -18.71 6.87 0.01
N GLU B 277 -18.10 6.85 -1.19
CA GLU B 277 -18.41 7.75 -2.31
C GLU B 277 -19.85 7.57 -2.81
N ALA B 278 -20.31 6.31 -2.94
CA ALA B 278 -21.65 5.93 -3.39
C ALA B 278 -22.67 5.84 -2.23
N LEU B 279 -22.57 6.76 -1.25
CA LEU B 279 -23.45 6.87 -0.09
C LEU B 279 -24.36 8.10 -0.24
N VAL B 280 -23.73 9.28 -0.48
CA VAL B 280 -24.39 10.57 -0.67
C VAL B 280 -25.32 10.58 -1.90
N ASN B 281 -24.98 9.78 -2.93
CA ASN B 281 -25.77 9.63 -4.16
C ASN B 281 -26.98 8.68 -3.94
N LYS B 282 -27.13 8.15 -2.71
CA LYS B 282 -28.20 7.22 -2.33
C LYS B 282 -29.16 7.77 -1.25
N ILE B 283 -28.65 8.63 -0.34
CA ILE B 283 -29.44 9.21 0.76
C ILE B 283 -30.43 10.28 0.25
N SER B 284 -29.90 11.40 -0.29
CA SER B 284 -30.68 12.52 -0.79
C SER B 284 -31.36 12.18 -2.12
N ALA C 3 -6.13 -41.11 18.59
CA ALA C 3 -5.75 -42.35 19.27
C ALA C 3 -6.33 -43.59 18.58
N GLU C 4 -7.54 -43.45 17.99
CA GLU C 4 -8.25 -44.51 17.27
C GLU C 4 -8.16 -44.29 15.76
N LYS C 5 -7.78 -43.06 15.36
CA LYS C 5 -7.65 -42.61 13.97
C LYS C 5 -6.54 -43.33 13.15
N LEU C 6 -5.69 -44.13 13.82
CA LEU C 6 -4.60 -44.88 13.14
C LEU C 6 -5.11 -45.80 12.03
N GLY C 7 -5.93 -46.79 12.40
CA GLY C 7 -6.51 -47.73 11.44
C GLY C 7 -7.90 -47.35 10.97
N SER C 8 -8.33 -46.08 11.22
CA SER C 8 -9.65 -45.57 10.82
C SER C 8 -9.71 -45.30 9.31
N GLU C 9 -8.77 -44.48 8.79
CA GLU C 9 -8.70 -44.19 7.36
C GLU C 9 -8.09 -45.37 6.61
N ILE C 10 -7.30 -46.22 7.31
CA ILE C 10 -6.68 -47.45 6.78
C ILE C 10 -7.75 -48.46 6.32
N LYS C 11 -8.83 -48.59 7.12
CA LYS C 11 -9.99 -49.45 6.83
C LYS C 11 -10.66 -49.01 5.53
N LYS C 12 -10.71 -47.68 5.28
CA LYS C 12 -11.30 -47.05 4.10
C LYS C 12 -10.32 -46.85 2.93
N ILE C 13 -8.99 -46.79 3.21
CA ILE C 13 -7.95 -46.64 2.19
C ILE C 13 -7.76 -47.94 1.39
N ARG C 14 -8.27 -49.06 1.95
CA ARG C 14 -8.26 -50.43 1.41
C ARG C 14 -8.90 -50.48 0.00
N VAL C 15 -9.86 -49.56 -0.28
CA VAL C 15 -10.54 -49.46 -1.58
C VAL C 15 -9.64 -48.85 -2.67
N THR C 20 -9.27 -56.61 -0.45
CA THR C 20 -7.92 -56.93 0.02
C THR C 20 -7.91 -57.04 1.54
N GLN C 21 -8.28 -58.23 2.05
CA GLN C 21 -8.35 -58.51 3.50
C GLN C 21 -7.00 -58.93 4.12
N LYS C 22 -6.63 -60.23 4.03
CA LYS C 22 -5.38 -60.74 4.58
C LYS C 22 -4.20 -60.38 3.68
N GLN C 23 -3.60 -59.20 3.96
CA GLN C 23 -2.45 -58.66 3.22
C GLN C 23 -1.39 -58.25 4.25
N LEU C 24 -0.78 -59.24 4.92
CA LEU C 24 0.24 -59.02 5.95
C LEU C 24 1.66 -58.86 5.41
N SER C 25 2.05 -59.68 4.41
CA SER C 25 3.35 -59.66 3.76
C SER C 25 3.24 -60.08 2.30
N SER C 32 -4.12 -61.44 11.10
CA SER C 32 -4.45 -61.98 12.42
C SER C 32 -4.60 -60.86 13.46
N GLU C 33 -3.49 -60.31 13.95
CA GLU C 33 -3.48 -59.22 14.93
C GLU C 33 -3.80 -57.87 14.26
N VAL C 34 -3.60 -57.79 12.93
CA VAL C 34 -3.80 -56.62 12.06
C VAL C 34 -5.19 -55.98 12.15
N SER C 35 -6.22 -56.78 12.45
CA SER C 35 -7.61 -56.33 12.51
C SER C 35 -7.97 -55.42 13.71
N ARG C 36 -7.19 -55.49 14.82
CA ARG C 36 -7.41 -54.66 16.02
C ARG C 36 -6.94 -53.20 15.84
N ILE C 37 -6.14 -52.95 14.80
CA ILE C 37 -5.61 -51.64 14.42
C ILE C 37 -6.75 -50.75 13.90
N GLU C 38 -7.79 -51.37 13.31
CA GLU C 38 -8.97 -50.71 12.78
C GLU C 38 -9.85 -50.10 13.87
N SER C 39 -9.90 -50.73 15.05
CA SER C 39 -10.66 -50.24 16.20
C SER C 39 -9.79 -49.26 17.02
N GLY C 40 -8.54 -49.65 17.26
CA GLY C 40 -7.58 -48.86 18.02
C GLY C 40 -7.32 -49.40 19.41
N ALA C 41 -7.23 -50.74 19.53
CA ALA C 41 -6.99 -51.42 20.81
C ALA C 41 -5.56 -51.21 21.30
N VAL C 42 -4.58 -51.40 20.39
CA VAL C 42 -3.15 -51.22 20.67
C VAL C 42 -2.55 -50.38 19.53
N TYR C 43 -1.54 -49.55 19.85
CA TYR C 43 -0.82 -48.72 18.87
C TYR C 43 0.08 -49.64 18.01
N PRO C 44 0.22 -49.39 16.69
CA PRO C 44 1.05 -50.28 15.85
C PRO C 44 2.54 -50.30 16.19
N SER C 45 3.18 -51.47 16.01
CA SER C 45 4.61 -51.70 16.26
C SER C 45 5.49 -51.01 15.21
N MET C 46 6.77 -50.79 15.53
CA MET C 46 7.75 -50.13 14.66
C MET C 46 7.96 -50.78 13.30
N ASP C 47 8.16 -52.12 13.27
CA ASP C 47 8.37 -52.86 12.03
C ASP C 47 7.07 -53.13 11.27
N ILE C 48 5.94 -53.27 11.99
CA ILE C 48 4.61 -53.51 11.41
C ILE C 48 4.11 -52.24 10.68
N LEU C 49 4.53 -51.05 11.18
CA LEU C 49 4.20 -49.73 10.62
C LEU C 49 4.72 -49.55 9.20
N GLN C 50 5.88 -50.16 8.90
CA GLN C 50 6.54 -50.10 7.58
C GLN C 50 5.80 -50.91 6.51
N GLY C 51 5.15 -52.00 6.91
CA GLY C 51 4.41 -52.89 6.02
C GLY C 51 3.03 -52.42 5.61
N ILE C 52 2.80 -51.10 5.63
CA ILE C 52 1.52 -50.45 5.26
C ILE C 52 1.74 -49.66 3.96
N ALA C 53 0.70 -49.59 3.09
CA ALA C 53 0.67 -48.94 1.76
C ALA C 53 1.71 -49.52 0.79
N ALA C 54 2.32 -50.65 1.17
CA ALA C 54 3.34 -51.39 0.44
C ALA C 54 3.13 -52.90 0.59
N PRO C 59 3.74 -40.83 2.76
CA PRO C 59 3.39 -42.22 3.07
C PRO C 59 3.63 -42.56 4.54
N ILE C 60 4.90 -42.82 4.94
CA ILE C 60 5.33 -43.15 6.32
C ILE C 60 4.96 -41.99 7.28
N ILE C 61 5.02 -40.76 6.78
CA ILE C 61 4.66 -39.54 7.52
C ILE C 61 3.12 -39.38 7.64
N HIS C 62 2.35 -39.79 6.60
CA HIS C 62 0.89 -39.67 6.57
C HIS C 62 0.15 -40.48 7.64
N PHE C 63 0.68 -41.67 8.01
CA PHE C 63 0.09 -42.51 9.05
C PHE C 63 0.25 -41.84 10.42
N TYR C 64 1.26 -40.97 10.55
CA TYR C 64 1.57 -40.17 11.75
C TYR C 64 0.92 -38.79 11.67
N GLU C 65 0.76 -38.26 10.44
CA GLU C 65 0.17 -36.94 10.17
C GLU C 65 -1.26 -36.83 10.67
N VAL C 66 -2.04 -37.91 10.49
CA VAL C 66 -3.44 -38.00 10.93
C VAL C 66 -3.57 -38.01 12.45
N LEU C 67 -2.59 -38.62 13.14
CA LEU C 67 -2.50 -38.71 14.60
C LEU C 67 -2.35 -37.35 15.24
N ILE C 68 -1.63 -36.42 14.56
CA ILE C 68 -1.42 -35.04 15.04
C ILE C 68 -2.67 -34.22 14.73
N TYR C 69 -3.25 -34.40 13.53
CA TYR C 69 -4.47 -33.69 13.11
C TYR C 69 -5.70 -34.08 13.93
N SER C 70 -5.75 -35.34 14.42
CA SER C 70 -6.84 -35.84 15.29
C SER C 70 -6.63 -35.28 16.68
N ASP C 71 -5.34 -35.17 17.09
CA ASP C 71 -4.93 -34.64 18.39
C ASP C 71 -5.28 -33.15 18.45
N ILE C 72 -4.71 -32.33 17.54
CA ILE C 72 -4.94 -30.88 17.44
C ILE C 72 -6.40 -30.48 17.17
N GLU C 73 -7.25 -31.43 16.72
CA GLU C 73 -8.68 -31.22 16.50
C GLU C 73 -9.31 -31.11 17.89
N ARG C 74 -9.22 -32.20 18.70
CA ARG C 74 -9.72 -32.32 20.07
C ARG C 74 -9.05 -31.38 21.08
N LYS C 75 -7.77 -31.01 20.84
CA LYS C 75 -7.01 -30.08 21.68
C LYS C 75 -7.61 -28.68 21.49
N LYS C 76 -7.82 -28.27 20.21
CA LYS C 76 -8.41 -26.99 19.83
C LYS C 76 -9.86 -26.92 20.27
N GLN C 77 -10.57 -28.07 20.28
CA GLN C 77 -11.96 -28.16 20.75
C GLN C 77 -11.95 -27.66 22.19
N PHE C 78 -11.07 -28.24 23.04
CA PHE C 78 -10.87 -27.89 24.44
C PHE C 78 -10.39 -26.46 24.61
N LYS C 79 -9.41 -26.02 23.79
CA LYS C 79 -8.89 -24.66 23.83
C LYS C 79 -10.00 -23.64 23.49
N ASP C 80 -10.90 -23.99 22.55
CA ASP C 80 -12.04 -23.16 22.18
C ASP C 80 -13.21 -23.35 23.16
N GLN C 81 -13.15 -24.40 24.01
CA GLN C 81 -14.16 -24.70 25.04
C GLN C 81 -13.97 -23.83 26.27
N VAL C 82 -12.69 -23.57 26.64
CA VAL C 82 -12.33 -22.73 27.78
C VAL C 82 -12.65 -21.24 27.51
N ILE C 83 -12.60 -20.84 26.22
CA ILE C 83 -12.88 -19.49 25.71
C ILE C 83 -14.33 -19.09 26.03
N MET C 84 -15.30 -19.93 25.64
CA MET C 84 -16.74 -19.70 25.85
C MET C 84 -17.09 -19.49 27.31
N LEU C 85 -16.51 -20.31 28.20
CA LEU C 85 -16.72 -20.24 29.64
C LEU C 85 -16.08 -18.99 30.26
N CYS C 86 -14.91 -18.56 29.71
CA CYS C 86 -14.16 -17.38 30.16
C CYS C 86 -15.00 -16.11 29.95
N LYS C 87 -15.69 -16.03 28.78
CA LYS C 87 -16.58 -14.91 28.42
C LYS C 87 -17.84 -15.00 29.28
N GLN C 88 -18.37 -16.22 29.47
CA GLN C 88 -19.53 -16.52 30.32
C GLN C 88 -19.21 -16.21 31.78
N LYS C 89 -17.90 -16.14 32.12
CA LYS C 89 -17.35 -15.90 33.45
C LYS C 89 -17.72 -17.04 34.43
N ARG C 90 -17.79 -18.27 33.89
CA ARG C 90 -18.14 -19.51 34.60
C ARG C 90 -16.83 -20.21 35.03
N TYR C 91 -16.04 -19.50 35.85
CA TYR C 91 -14.72 -19.90 36.36
C TYR C 91 -14.65 -21.25 37.06
N LYS C 92 -15.63 -21.60 37.92
CA LYS C 92 -15.65 -22.88 38.64
C LYS C 92 -15.77 -24.05 37.67
N GLU C 93 -16.55 -23.85 36.58
CA GLU C 93 -16.72 -24.84 35.53
C GLU C 93 -15.47 -24.97 34.66
N ILE C 94 -14.63 -23.89 34.61
CA ILE C 94 -13.33 -23.90 33.92
C ILE C 94 -12.41 -24.71 34.81
N TYR C 95 -12.32 -24.30 36.10
CA TYR C 95 -11.53 -24.91 37.19
C TYR C 95 -11.74 -26.43 37.24
N ASN C 96 -13.00 -26.88 37.16
CA ASN C 96 -13.37 -28.30 37.19
C ASN C 96 -12.95 -29.01 35.90
N LYS C 97 -13.31 -28.45 34.72
CA LYS C 97 -12.98 -28.99 33.39
C LYS C 97 -11.48 -29.05 33.14
N VAL C 98 -10.73 -28.09 33.70
CA VAL C 98 -9.29 -27.99 33.58
C VAL C 98 -8.57 -28.92 34.57
N TRP C 99 -9.27 -29.36 35.64
CA TRP C 99 -8.76 -30.27 36.66
C TRP C 99 -8.98 -31.72 36.21
N ASN C 100 -10.20 -32.05 35.75
CA ASN C 100 -10.59 -33.38 35.26
C ASN C 100 -9.74 -33.82 34.06
N GLU C 101 -9.42 -32.87 33.16
CA GLU C 101 -8.56 -33.13 31.99
C GLU C 101 -7.11 -33.33 32.46
N LEU C 102 -6.68 -32.53 33.45
CA LEU C 102 -5.34 -32.59 34.06
C LEU C 102 -5.15 -33.90 34.85
N LYS C 103 -6.25 -34.37 35.50
CA LYS C 103 -6.37 -35.60 36.28
C LYS C 103 -5.97 -36.81 35.43
N LYS C 104 -6.33 -36.78 34.12
CA LYS C 104 -5.99 -37.80 33.14
C LYS C 104 -4.50 -37.69 32.88
N GLU C 105 -3.74 -38.74 33.24
CA GLU C 105 -2.29 -38.75 33.08
C GLU C 105 -1.90 -38.77 31.61
N GLU C 106 -1.55 -37.60 31.09
CA GLU C 106 -1.16 -37.36 29.70
C GLU C 106 0.09 -36.50 29.68
N TYR C 107 1.05 -36.82 28.79
CA TYR C 107 2.30 -36.07 28.67
C TYR C 107 2.33 -35.19 27.42
N HIS C 108 2.34 -33.87 27.63
CA HIS C 108 2.42 -32.82 26.60
C HIS C 108 2.86 -31.53 27.27
N PRO C 109 4.14 -31.09 27.10
CA PRO C 109 4.60 -29.87 27.79
C PRO C 109 3.87 -28.58 27.41
N GLU C 110 3.34 -28.51 26.19
CA GLU C 110 2.62 -27.35 25.66
C GLU C 110 1.14 -27.30 26.06
N PHE C 111 0.47 -28.46 26.12
CA PHE C 111 -0.93 -28.53 26.53
C PHE C 111 -1.09 -28.44 28.03
N GLN C 112 -0.17 -29.08 28.80
CA GLN C 112 -0.16 -29.06 30.26
C GLN C 112 -0.01 -27.63 30.77
N GLN C 113 0.97 -26.88 30.21
CA GLN C 113 1.28 -25.48 30.53
C GLN C 113 0.03 -24.62 30.44
N PHE C 114 -0.77 -24.77 29.34
CA PHE C 114 -2.02 -24.06 29.13
C PHE C 114 -3.03 -24.43 30.21
N LEU C 115 -3.26 -25.76 30.39
CA LEU C 115 -4.19 -26.32 31.39
C LEU C 115 -3.88 -25.73 32.76
N GLN C 116 -2.63 -25.90 33.24
CA GLN C 116 -2.19 -25.39 34.54
C GLN C 116 -2.20 -23.86 34.62
N TRP C 117 -2.03 -23.13 33.48
CA TRP C 117 -2.11 -21.66 33.44
C TRP C 117 -3.55 -21.26 33.75
N GLN C 118 -4.52 -21.92 33.08
CA GLN C 118 -5.94 -21.69 33.27
C GLN C 118 -6.38 -22.09 34.68
N TYR C 119 -5.74 -23.13 35.26
CA TYR C 119 -6.01 -23.63 36.60
C TYR C 119 -5.60 -22.63 37.69
N TYR C 120 -4.36 -22.10 37.62
CA TYR C 120 -3.85 -21.13 38.59
C TYR C 120 -4.65 -19.83 38.57
N VAL C 121 -4.89 -19.28 37.36
CA VAL C 121 -5.67 -18.04 37.20
C VAL C 121 -7.12 -18.21 37.67
N ALA C 122 -7.76 -19.38 37.35
CA ALA C 122 -9.14 -19.70 37.77
C ALA C 122 -9.22 -19.72 39.28
N ALA C 123 -8.24 -20.42 39.94
CA ALA C 123 -8.13 -20.50 41.39
C ALA C 123 -7.95 -19.10 41.96
N TYR C 124 -7.13 -18.25 41.31
CA TYR C 124 -6.91 -16.87 41.73
C TYR C 124 -8.21 -16.09 41.63
N VAL C 125 -8.98 -16.31 40.53
CA VAL C 125 -10.27 -15.66 40.29
C VAL C 125 -11.28 -16.11 41.35
N LEU C 126 -11.40 -17.44 41.56
CA LEU C 126 -12.27 -18.06 42.56
C LEU C 126 -11.80 -17.75 44.00
N LYS C 127 -10.71 -16.97 44.12
CA LYS C 127 -10.05 -16.52 45.35
C LYS C 127 -9.51 -17.69 46.22
N LYS C 128 -9.16 -18.80 45.54
CA LYS C 128 -8.60 -20.02 46.13
C LYS C 128 -7.12 -19.80 46.46
N VAL C 129 -6.39 -19.06 45.61
CA VAL C 129 -4.98 -18.75 45.83
C VAL C 129 -4.75 -17.23 45.99
N ASP C 130 -3.55 -16.85 46.48
CA ASP C 130 -3.13 -15.46 46.69
C ASP C 130 -2.68 -14.86 45.36
N TYR C 131 -2.62 -13.52 45.27
CA TYR C 131 -2.15 -12.82 44.08
C TYR C 131 -0.69 -13.18 43.81
N GLU C 132 0.14 -13.25 44.88
CA GLU C 132 1.56 -13.59 44.81
C GLU C 132 1.78 -15.07 44.57
N TYR C 133 1.01 -15.96 45.25
CA TYR C 133 1.11 -17.41 45.08
C TYR C 133 0.88 -17.76 43.60
N CYS C 134 -0.15 -17.12 43.00
CA CYS C 134 -0.51 -17.24 41.59
C CYS C 134 0.68 -16.83 40.70
N ILE C 135 1.26 -15.63 40.95
CA ILE C 135 2.41 -15.06 40.25
C ILE C 135 3.56 -16.08 40.20
N LEU C 136 3.87 -16.68 41.36
CA LEU C 136 4.92 -17.69 41.52
C LEU C 136 4.63 -18.95 40.70
N GLU C 137 3.40 -19.50 40.85
CA GLU C 137 2.98 -20.72 40.14
C GLU C 137 2.88 -20.48 38.64
N LEU C 138 2.68 -19.22 38.20
CA LEU C 138 2.64 -18.85 36.80
C LEU C 138 4.05 -18.66 36.26
N LYS C 139 4.92 -17.97 37.04
CA LYS C 139 6.32 -17.69 36.69
C LYS C 139 7.13 -18.93 36.32
N LYS C 140 6.92 -20.03 37.06
CA LYS C 140 7.60 -21.32 36.83
C LYS C 140 7.33 -21.94 35.46
N LEU C 141 6.09 -21.78 34.94
CA LEU C 141 5.69 -22.28 33.61
C LEU C 141 6.38 -21.45 32.54
N LEU C 142 6.52 -20.14 32.82
CA LEU C 142 7.13 -19.16 31.93
C LEU C 142 8.64 -19.35 31.81
N ASN C 143 9.38 -19.40 32.93
CA ASN C 143 10.84 -19.55 32.92
C ASN C 143 11.40 -20.94 32.59
N GLN C 144 10.56 -21.99 32.63
CA GLN C 144 10.94 -23.37 32.32
C GLN C 144 9.98 -23.96 31.27
N GLN C 145 10.42 -24.01 30.00
CA GLN C 145 9.61 -24.47 28.86
C GLN C 145 10.45 -24.99 27.67
N LEU C 146 9.77 -25.46 26.60
CA LEU C 146 10.35 -25.95 25.34
C LEU C 146 9.31 -25.85 24.21
N THR C 147 8.62 -24.68 24.14
CA THR C 147 7.55 -24.32 23.20
C THR C 147 7.81 -24.64 21.71
N GLY C 148 6.81 -25.24 21.06
CA GLY C 148 6.85 -25.63 19.66
C GLY C 148 5.63 -25.22 18.86
N ILE C 149 4.41 -25.60 19.35
CA ILE C 149 3.14 -25.28 18.69
C ILE C 149 2.76 -23.79 18.71
N ASP C 150 2.46 -23.24 19.91
CA ASP C 150 2.04 -21.85 20.08
C ASP C 150 3.15 -21.03 20.76
N VAL C 151 3.80 -20.16 19.97
CA VAL C 151 4.88 -19.28 20.44
C VAL C 151 4.29 -18.15 21.30
N TYR C 152 3.05 -17.74 20.99
CA TYR C 152 2.30 -16.70 21.68
C TYR C 152 1.70 -17.17 23.02
N GLN C 153 1.78 -18.49 23.33
CA GLN C 153 1.25 -19.10 24.56
C GLN C 153 1.88 -18.49 25.81
N ASN C 154 3.21 -18.32 25.78
CA ASN C 154 3.97 -17.75 26.88
C ASN C 154 3.75 -16.23 27.00
N LEU C 155 3.30 -15.60 25.91
CA LEU C 155 2.97 -14.16 25.88
C LEU C 155 1.65 -13.92 26.61
N TYR C 156 0.67 -14.86 26.49
CA TYR C 156 -0.63 -14.77 27.14
C TYR C 156 -0.44 -14.89 28.65
N ILE C 157 0.54 -15.70 29.08
CA ILE C 157 0.94 -15.93 30.49
C ILE C 157 1.52 -14.63 31.05
N GLU C 158 2.40 -13.95 30.26
CA GLU C 158 3.03 -12.68 30.63
C GLU C 158 1.97 -11.61 30.93
N ASN C 159 0.95 -11.49 30.04
CA ASN C 159 -0.17 -10.58 30.21
C ASN C 159 -0.95 -11.02 31.46
N ALA C 160 -1.17 -12.36 31.63
CA ALA C 160 -1.87 -12.95 32.79
C ALA C 160 -1.17 -12.59 34.11
N ILE C 161 0.17 -12.48 34.10
CA ILE C 161 0.97 -12.08 35.25
C ILE C 161 0.80 -10.56 35.43
N ALA C 162 1.09 -9.79 34.36
CA ALA C 162 1.06 -8.32 34.31
C ALA C 162 -0.29 -7.69 34.62
N ASN C 163 -1.40 -8.25 34.06
CA ASN C 163 -2.74 -7.70 34.33
C ASN C 163 -3.25 -7.97 35.75
N ILE C 164 -2.58 -8.89 36.49
CA ILE C 164 -2.95 -9.18 37.87
C ILE C 164 -2.08 -8.45 38.91
N TYR C 165 -1.70 -7.22 38.56
CA TYR C 165 -0.93 -6.25 39.35
C TYR C 165 -1.83 -5.01 39.50
N ALA C 166 -2.91 -4.93 38.69
CA ALA C 166 -3.89 -3.85 38.65
C ALA C 166 -4.68 -3.72 39.95
N GLU C 167 -5.50 -4.74 40.32
CA GLU C 167 -6.25 -4.72 41.59
C GLU C 167 -5.32 -5.16 42.73
N ASN C 168 -4.05 -4.74 42.63
CA ASN C 168 -2.97 -5.05 43.56
C ASN C 168 -2.07 -3.82 43.79
N GLY C 169 -2.03 -2.92 42.81
CA GLY C 169 -1.30 -1.65 42.89
C GLY C 169 0.18 -1.67 42.59
N TYR C 170 0.71 -2.78 42.05
CA TYR C 170 2.13 -2.87 41.69
C TYR C 170 2.32 -2.58 40.20
N LEU C 171 1.35 -1.81 39.64
CA LEU C 171 1.23 -1.34 38.26
C LEU C 171 2.51 -0.79 37.63
N LYS C 172 3.42 -0.23 38.47
CA LYS C 172 4.72 0.32 38.05
C LYS C 172 5.57 -0.83 37.46
N LYS C 173 5.49 -2.02 38.10
CA LYS C 173 6.17 -3.24 37.66
C LYS C 173 5.31 -3.92 36.59
N GLY C 174 4.00 -3.66 36.64
CA GLY C 174 3.02 -4.18 35.69
C GLY C 174 3.27 -3.65 34.30
N ILE C 175 3.45 -2.31 34.18
CA ILE C 175 3.74 -1.59 32.94
C ILE C 175 5.05 -2.10 32.31
N ASP C 176 6.08 -2.37 33.15
CA ASP C 176 7.37 -2.92 32.73
C ASP C 176 7.18 -4.20 31.93
N LEU C 177 6.30 -5.11 32.42
CA LEU C 177 6.01 -6.37 31.74
C LEU C 177 5.12 -6.17 30.50
N PHE C 178 4.28 -5.11 30.49
CA PHE C 178 3.42 -4.77 29.35
C PHE C 178 4.28 -4.18 28.20
N GLU C 179 5.30 -3.35 28.56
CA GLU C 179 6.25 -2.75 27.61
C GLU C 179 7.20 -3.83 27.05
N GLN C 180 7.41 -4.90 27.84
CA GLN C 180 8.24 -6.07 27.51
C GLN C 180 7.56 -6.91 26.42
N ILE C 181 6.22 -6.79 26.28
CA ILE C 181 5.41 -7.48 25.27
C ILE C 181 5.53 -6.75 23.90
N LEU C 182 5.63 -5.39 23.92
CA LEU C 182 5.79 -4.53 22.74
C LEU C 182 7.02 -4.93 21.89
N LYS C 183 8.13 -5.29 22.57
CA LYS C 183 9.39 -5.72 21.93
C LYS C 183 9.17 -7.06 21.20
N GLN C 184 8.34 -7.96 21.79
CA GLN C 184 8.02 -9.29 21.27
C GLN C 184 6.93 -9.24 20.19
N LEU C 185 6.24 -8.08 20.08
CA LEU C 185 5.18 -7.83 19.10
C LEU C 185 5.71 -7.66 17.68
N GLU C 186 6.89 -7.01 17.53
CA GLU C 186 7.56 -6.78 16.26
C GLU C 186 8.07 -8.08 15.63
N ALA C 187 8.43 -9.08 16.46
CA ALA C 187 8.89 -10.40 16.01
C ALA C 187 7.69 -11.21 15.50
N LEU C 188 7.40 -11.06 14.19
CA LEU C 188 6.29 -11.66 13.43
C LEU C 188 4.88 -11.39 14.00
N HIS C 189 4.28 -10.31 13.49
CA HIS C 189 2.95 -9.80 13.83
C HIS C 189 1.87 -10.73 13.24
N ASP C 190 1.62 -11.86 13.91
CA ASP C 190 0.66 -12.87 13.48
C ASP C 190 -0.73 -12.64 14.09
N ASN C 191 -0.80 -12.51 15.42
CA ASN C 191 -2.06 -12.33 16.14
C ASN C 191 -2.23 -10.88 16.64
N GLU C 192 -3.05 -10.11 15.92
CA GLU C 192 -3.34 -8.71 16.21
C GLU C 192 -4.42 -8.58 17.27
N GLU C 193 -5.31 -9.59 17.38
CA GLU C 193 -6.40 -9.61 18.36
C GLU C 193 -5.86 -9.63 19.80
N PHE C 194 -4.66 -10.20 20.00
CA PHE C 194 -4.00 -10.23 21.30
C PHE C 194 -3.40 -8.87 21.64
N ASP C 195 -2.87 -8.14 20.62
CA ASP C 195 -2.31 -6.81 20.79
C ASP C 195 -3.35 -5.92 21.46
N VAL C 196 -4.57 -5.93 20.90
CA VAL C 196 -5.75 -5.18 21.37
C VAL C 196 -6.05 -5.51 22.86
N LYS C 197 -5.86 -6.78 23.29
CA LYS C 197 -6.06 -7.20 24.68
C LYS C 197 -4.96 -6.64 25.58
N VAL C 198 -3.69 -6.64 25.12
CA VAL C 198 -2.54 -6.14 25.89
C VAL C 198 -2.54 -4.60 25.94
N ARG C 199 -2.62 -3.93 24.77
CA ARG C 199 -2.63 -2.47 24.63
C ARG C 199 -3.75 -1.85 25.46
N TYR C 200 -4.93 -2.51 25.50
CA TYR C 200 -6.07 -2.05 26.29
C TYR C 200 -5.77 -2.18 27.78
N ASN C 201 -5.15 -3.30 28.20
CA ASN C 201 -4.76 -3.57 29.58
C ASN C 201 -3.61 -2.65 30.04
N HIS C 202 -2.75 -2.24 29.09
CA HIS C 202 -1.62 -1.35 29.30
C HIS C 202 -2.17 0.05 29.58
N ALA C 203 -3.10 0.52 28.70
CA ALA C 203 -3.77 1.81 28.77
C ALA C 203 -4.76 1.90 29.95
N LYS C 204 -5.27 0.75 30.43
CA LYS C 204 -6.18 0.65 31.57
C LYS C 204 -5.44 1.05 32.86
N ALA C 205 -4.19 0.55 33.03
CA ALA C 205 -3.31 0.80 34.17
C ALA C 205 -2.64 2.17 34.15
N LEU C 206 -2.30 2.68 32.94
CA LEU C 206 -1.67 3.99 32.78
C LEU C 206 -2.61 5.09 33.28
N TYR C 207 -3.91 4.92 33.06
CA TYR C 207 -4.98 5.82 33.51
C TYR C 207 -5.16 5.67 35.04
N LEU C 208 -4.90 4.45 35.59
CA LEU C 208 -5.00 4.14 37.03
C LEU C 208 -3.85 4.76 37.82
N ASP C 209 -2.64 4.80 37.22
CA ASP C 209 -1.44 5.43 37.76
C ASP C 209 -1.59 6.96 37.66
N SER C 210 -2.61 7.41 36.88
CA SER C 210 -2.99 8.79 36.57
C SER C 210 -2.00 9.52 35.64
N ARG C 211 -1.48 8.75 34.66
CA ARG C 211 -0.57 9.14 33.59
C ARG C 211 -1.43 9.21 32.30
N TYR C 212 -2.15 10.32 32.14
CA TYR C 212 -3.09 10.60 31.04
C TYR C 212 -2.41 10.86 29.68
N GLU C 213 -1.06 10.88 29.65
CA GLU C 213 -0.26 11.14 28.45
C GLU C 213 -0.27 9.97 27.47
N GLU C 214 0.51 8.91 27.75
CA GLU C 214 0.62 7.73 26.89
C GLU C 214 -0.49 6.70 27.05
N SER C 215 -1.52 7.02 27.87
CA SER C 215 -2.71 6.20 28.06
C SER C 215 -3.57 6.40 26.81
N LEU C 216 -3.51 7.61 26.22
CA LEU C 216 -4.20 8.00 24.99
C LEU C 216 -3.50 7.38 23.79
N TYR C 217 -2.14 7.39 23.76
CA TYR C 217 -1.31 6.80 22.71
C TYR C 217 -1.59 5.31 22.55
N GLN C 218 -1.61 4.57 23.69
CA GLN C 218 -1.86 3.13 23.75
C GLN C 218 -3.26 2.75 23.28
N VAL C 219 -4.27 3.62 23.55
CA VAL C 219 -5.66 3.42 23.10
C VAL C 219 -5.69 3.62 21.58
N ASN C 220 -5.28 4.83 21.11
CA ASN C 220 -5.24 5.19 19.69
C ASN C 220 -4.27 4.33 18.85
N LYS C 221 -3.55 3.41 19.49
CA LYS C 221 -2.64 2.46 18.84
C LYS C 221 -3.38 1.12 18.67
N ALA C 222 -4.27 0.78 19.63
CA ALA C 222 -5.09 -0.43 19.63
C ALA C 222 -6.33 -0.23 18.77
N ILE C 223 -6.88 1.01 18.78
CA ILE C 223 -8.04 1.48 17.99
C ILE C 223 -7.63 1.36 16.51
N GLU C 224 -6.37 1.77 16.20
CA GLU C 224 -5.73 1.71 14.89
C GLU C 224 -5.73 0.26 14.38
N ILE C 225 -5.34 -0.70 15.26
CA ILE C 225 -5.29 -2.15 14.96
C ILE C 225 -6.70 -2.74 14.78
N SER C 226 -7.63 -2.39 15.70
CA SER C 226 -9.03 -2.85 15.67
C SER C 226 -9.73 -2.51 14.35
N CYS C 227 -9.40 -1.34 13.76
CA CYS C 227 -9.97 -0.88 12.51
C CYS C 227 -9.35 -1.60 11.30
N ARG C 228 -8.09 -2.03 11.41
CA ARG C 228 -7.39 -2.75 10.35
C ARG C 228 -7.55 -4.27 10.41
N ILE C 229 -7.84 -4.81 11.61
CA ILE C 229 -8.06 -6.24 11.81
C ILE C 229 -9.56 -6.59 11.80
N ASN C 230 -10.42 -5.54 11.80
CA ASN C 230 -11.89 -5.60 11.79
C ASN C 230 -12.47 -6.39 12.98
N SER C 231 -11.99 -6.06 14.20
CA SER C 231 -12.42 -6.68 15.45
C SER C 231 -12.88 -5.60 16.42
N MET C 232 -14.19 -5.57 16.68
CA MET C 232 -14.81 -4.62 17.61
C MET C 232 -14.92 -5.19 19.04
N ALA C 233 -14.05 -6.20 19.34
CA ALA C 233 -13.97 -6.92 20.62
C ALA C 233 -13.76 -6.03 21.83
N LEU C 234 -12.76 -5.11 21.76
CA LEU C 234 -12.45 -4.18 22.84
C LEU C 234 -12.78 -2.73 22.49
N ILE C 235 -13.19 -2.46 21.21
CA ILE C 235 -13.54 -1.17 20.63
C ILE C 235 -14.47 -0.29 21.47
N GLY C 236 -15.51 -0.88 22.06
CA GLY C 236 -16.45 -0.18 22.92
C GLY C 236 -15.76 0.33 24.17
N GLN C 237 -14.97 -0.56 24.80
CA GLN C 237 -14.17 -0.32 25.99
C GLN C 237 -12.99 0.61 25.68
N LEU C 238 -12.49 0.56 24.43
CA LEU C 238 -11.37 1.38 23.95
C LEU C 238 -11.78 2.85 23.74
N TYR C 239 -12.96 3.09 23.14
CA TYR C 239 -13.45 4.46 22.92
C TYR C 239 -13.88 5.10 24.24
N TYR C 240 -14.39 4.26 25.20
CA TYR C 240 -14.80 4.66 26.55
C TYR C 240 -13.60 5.19 27.32
N GLN C 241 -12.42 4.58 27.11
CA GLN C 241 -11.17 5.00 27.72
C GLN C 241 -10.64 6.25 27.01
N ARG C 242 -10.89 6.39 25.69
CA ARG C 242 -10.47 7.58 24.92
C ARG C 242 -11.26 8.80 25.42
N GLY C 243 -12.57 8.63 25.61
CA GLY C 243 -13.48 9.66 26.11
C GLY C 243 -13.16 10.08 27.54
N GLU C 244 -12.64 9.14 28.35
CA GLU C 244 -12.24 9.35 29.75
C GLU C 244 -10.81 9.89 29.84
N CYS C 245 -9.93 9.52 28.89
CA CYS C 245 -8.55 9.99 28.84
C CYS C 245 -8.53 11.44 28.34
N LEU C 246 -9.47 11.79 27.44
CA LEU C 246 -9.62 13.15 26.91
C LEU C 246 -10.36 14.04 27.93
N ARG C 247 -11.12 13.41 28.85
CA ARG C 247 -11.90 14.07 29.91
C ARG C 247 -11.00 14.86 30.88
N LYS C 248 -9.75 14.40 31.08
CA LYS C 248 -8.79 15.08 31.94
C LYS C 248 -7.47 15.33 31.20
N GLU C 253 -14.12 19.77 24.84
CA GLU C 253 -15.41 19.10 24.94
C GLU C 253 -15.96 18.66 23.58
N ALA C 254 -15.33 19.10 22.47
CA ALA C 254 -15.71 18.74 21.10
C ALA C 254 -15.15 17.36 20.73
N GLU C 255 -13.85 17.13 21.03
CA GLU C 255 -13.15 15.86 20.79
C GLU C 255 -13.58 14.83 21.82
N ILE C 256 -13.96 15.29 23.03
CA ILE C 256 -14.41 14.47 24.15
C ILE C 256 -15.80 13.89 23.82
N GLU C 257 -16.73 14.73 23.31
CA GLU C 257 -18.09 14.34 22.88
C GLU C 257 -18.02 13.33 21.72
N ASP C 258 -17.04 13.51 20.81
CA ASP C 258 -16.76 12.69 19.63
C ASP C 258 -16.50 11.23 20.01
N ALA C 259 -15.55 10.99 20.93
CA ALA C 259 -15.19 9.66 21.42
C ALA C 259 -16.27 9.09 22.35
N TYR C 260 -17.02 9.96 23.07
CA TYR C 260 -18.10 9.60 24.00
C TYR C 260 -19.30 8.97 23.27
N LYS C 261 -19.75 9.62 22.17
CA LYS C 261 -20.87 9.17 21.35
C LYS C 261 -20.51 7.92 20.54
N LYS C 262 -19.22 7.79 20.15
CA LYS C 262 -18.66 6.67 19.39
C LYS C 262 -18.74 5.37 20.18
N ALA C 263 -18.34 5.40 21.47
CA ALA C 263 -18.37 4.25 22.38
C ALA C 263 -19.80 3.77 22.63
N SER C 264 -20.66 4.66 23.18
CA SER C 264 -22.08 4.46 23.51
C SER C 264 -22.87 3.68 22.45
N PHE C 265 -22.56 3.96 21.17
CA PHE C 265 -23.12 3.31 19.97
C PHE C 265 -22.90 1.78 20.03
N PHE C 266 -21.63 1.35 20.20
CA PHE C 266 -21.23 -0.05 20.21
C PHE C 266 -21.86 -0.87 21.33
N PHE C 267 -21.87 -0.33 22.56
CA PHE C 267 -22.40 -0.96 23.78
C PHE C 267 -23.75 -1.65 23.60
N ASP C 268 -24.70 -1.01 22.87
CA ASP C 268 -26.01 -1.60 22.63
C ASP C 268 -26.01 -2.65 21.52
N ILE C 269 -25.35 -2.34 20.38
CA ILE C 269 -25.26 -3.25 19.22
C ILE C 269 -24.50 -4.54 19.52
N LEU C 270 -23.55 -4.47 20.46
CA LEU C 270 -22.76 -5.62 20.89
C LEU C 270 -23.45 -6.33 22.07
N GLU C 271 -24.66 -5.86 22.45
CA GLU C 271 -25.54 -6.39 23.50
C GLU C 271 -24.91 -6.33 24.91
N MET C 272 -24.11 -5.28 25.17
CA MET C 272 -23.44 -5.06 26.45
C MET C 272 -24.16 -3.94 27.23
N HIS C 273 -25.15 -4.34 28.06
CA HIS C 273 -25.96 -3.42 28.87
C HIS C 273 -25.32 -3.07 30.21
N ALA C 274 -24.54 -4.02 30.79
CA ALA C 274 -23.85 -3.85 32.07
C ALA C 274 -22.89 -2.67 32.05
N TYR C 275 -22.12 -2.53 30.96
CA TYR C 275 -21.16 -1.45 30.72
C TYR C 275 -21.89 -0.19 30.20
N LYS C 276 -23.12 -0.34 29.67
CA LYS C 276 -23.98 0.73 29.14
C LYS C 276 -24.66 1.51 30.29
N GLU C 277 -24.84 0.86 31.45
CA GLU C 277 -25.45 1.45 32.66
C GLU C 277 -24.62 2.62 33.20
N ALA C 278 -23.28 2.46 33.25
CA ALA C 278 -22.33 3.45 33.73
C ALA C 278 -21.85 4.41 32.61
N LEU C 279 -22.77 4.81 31.71
CA LEU C 279 -22.52 5.73 30.61
C LEU C 279 -23.21 7.06 30.88
N VAL C 280 -24.53 7.01 31.19
CA VAL C 280 -25.38 8.16 31.50
C VAL C 280 -24.93 8.90 32.77
N ASN C 281 -24.29 8.17 33.72
CA ASN C 281 -23.76 8.71 34.96
C ASN C 281 -22.38 9.39 34.73
N LYS C 282 -21.89 9.39 33.47
CA LYS C 282 -20.60 9.98 33.07
C LYS C 282 -20.73 11.15 32.09
N ILE C 283 -21.77 11.14 31.21
CA ILE C 283 -21.98 12.18 30.20
C ILE C 283 -22.49 13.49 30.83
N SER C 284 -23.71 13.46 31.40
CA SER C 284 -24.36 14.61 32.00
C SER C 284 -23.71 15.07 33.30
N ARG C 285 -23.14 14.13 34.10
CA ARG C 285 -22.50 14.38 35.41
C ARG C 285 -21.45 15.51 35.36
N LEU C 286 -20.65 15.57 34.27
CA LEU C 286 -19.63 16.60 34.08
C LEU C 286 -20.12 17.65 33.08
N ALA D 3 21.16 24.06 -32.48
CA ALA D 3 21.52 24.45 -33.84
C ALA D 3 23.02 24.62 -34.01
N GLU D 4 23.72 25.06 -32.95
CA GLU D 4 25.17 25.30 -32.92
C GLU D 4 25.85 24.18 -32.13
N LYS D 5 25.07 23.42 -31.35
CA LYS D 5 25.50 22.32 -30.48
C LYS D 5 26.09 21.10 -31.24
N LEU D 6 25.97 21.06 -32.59
CA LEU D 6 26.50 19.97 -33.42
C LEU D 6 28.00 19.74 -33.23
N GLY D 7 28.81 20.75 -33.57
CA GLY D 7 30.26 20.69 -33.42
C GLY D 7 30.77 21.30 -32.13
N SER D 8 29.87 21.57 -31.15
CA SER D 8 30.22 22.15 -29.85
C SER D 8 30.93 21.14 -28.96
N GLU D 9 30.30 19.97 -28.72
CA GLU D 9 30.89 18.90 -27.91
C GLU D 9 31.96 18.16 -28.72
N ILE D 10 31.87 18.23 -30.08
CA ILE D 10 32.82 17.63 -31.02
C ILE D 10 34.22 18.26 -30.87
N LYS D 11 34.27 19.60 -30.69
CA LYS D 11 35.48 20.38 -30.46
C LYS D 11 36.18 19.91 -29.17
N LYS D 12 35.38 19.55 -28.14
CA LYS D 12 35.85 19.06 -26.84
C LYS D 12 36.01 17.53 -26.76
N ILE D 13 35.30 16.77 -27.63
CA ILE D 13 35.40 15.29 -27.68
C ILE D 13 36.73 14.85 -28.31
N ARG D 14 37.40 15.78 -29.03
CA ARG D 14 38.71 15.65 -29.69
C ARG D 14 39.79 15.23 -28.68
N VAL D 15 39.61 15.65 -27.41
CA VAL D 15 40.47 15.36 -26.26
C VAL D 15 40.29 13.88 -25.85
N THR D 20 44.31 13.96 -34.01
CA THR D 20 42.86 14.10 -33.92
C THR D 20 42.39 15.36 -34.65
N GLN D 21 43.13 16.48 -34.48
CA GLN D 21 42.83 17.78 -35.08
C GLN D 21 42.70 17.75 -36.62
N LYS D 22 43.64 17.09 -37.31
CA LYS D 22 43.62 16.98 -38.76
C LYS D 22 43.13 15.61 -39.24
N GLN D 23 41.99 15.15 -38.67
CA GLN D 23 41.39 13.88 -39.07
C GLN D 23 40.22 14.13 -40.02
N LEU D 24 40.55 14.23 -41.31
CA LEU D 24 39.59 14.46 -42.40
C LEU D 24 39.11 13.10 -42.94
N SER D 25 40.06 12.24 -43.37
CA SER D 25 39.80 10.91 -43.91
C SER D 25 40.97 9.97 -43.66
N SER D 32 39.46 21.22 -44.01
CA SER D 32 39.16 22.44 -44.75
C SER D 32 37.80 23.03 -44.37
N GLU D 33 36.70 22.44 -44.88
CA GLU D 33 35.32 22.85 -44.58
C GLU D 33 34.89 22.38 -43.17
N VAL D 34 35.56 21.34 -42.65
CA VAL D 34 35.34 20.69 -41.36
C VAL D 34 35.32 21.62 -40.15
N SER D 35 36.07 22.72 -40.21
CA SER D 35 36.22 23.68 -39.12
C SER D 35 34.98 24.56 -38.82
N ARG D 36 34.08 24.77 -39.81
CA ARG D 36 32.86 25.58 -39.65
C ARG D 36 31.76 24.88 -38.84
N ILE D 37 31.91 23.55 -38.64
CA ILE D 37 31.00 22.68 -37.88
C ILE D 37 31.08 23.03 -36.38
N GLU D 38 32.26 23.53 -35.95
CA GLU D 38 32.53 23.99 -34.58
C GLU D 38 31.78 25.28 -34.29
N SER D 39 31.65 26.16 -35.31
CA SER D 39 30.93 27.42 -35.25
C SER D 39 29.42 27.16 -35.43
N GLY D 40 29.08 26.32 -36.41
CA GLY D 40 27.71 25.96 -36.74
C GLY D 40 27.10 26.82 -37.81
N ALA D 41 27.91 27.19 -38.83
CA ALA D 41 27.49 28.01 -39.97
C ALA D 41 26.54 27.25 -40.88
N VAL D 42 26.86 25.97 -41.14
CA VAL D 42 26.07 25.07 -41.99
C VAL D 42 25.94 23.72 -41.24
N TYR D 43 24.79 23.05 -41.40
CA TYR D 43 24.51 21.74 -40.81
C TYR D 43 25.35 20.67 -41.56
N PRO D 44 25.91 19.66 -40.86
CA PRO D 44 26.75 18.66 -41.56
C PRO D 44 26.01 17.80 -42.60
N SER D 45 26.72 17.42 -43.68
CA SER D 45 26.21 16.59 -44.78
C SER D 45 26.01 15.14 -44.34
N MET D 46 25.18 14.39 -45.10
CA MET D 46 24.84 12.99 -44.84
C MET D 46 26.03 12.03 -44.77
N ASP D 47 26.95 12.10 -45.75
CA ASP D 47 28.13 11.25 -45.82
C ASP D 47 29.25 11.71 -44.88
N ILE D 48 29.34 13.04 -44.64
CA ILE D 48 30.35 13.65 -43.75
C ILE D 48 30.05 13.30 -42.27
N LEU D 49 28.75 13.14 -41.92
CA LEU D 49 28.27 12.79 -40.58
C LEU D 49 28.79 11.40 -40.15
N GLN D 50 28.92 10.46 -41.10
CA GLN D 50 29.39 9.10 -40.86
C GLN D 50 30.89 9.04 -40.48
N GLY D 51 31.68 9.97 -41.00
CA GLY D 51 33.11 10.06 -40.76
C GLY D 51 33.53 10.69 -39.45
N ILE D 52 32.65 10.65 -38.44
CA ILE D 52 32.88 11.20 -37.10
C ILE D 52 32.94 10.03 -36.09
N ALA D 53 33.80 10.16 -35.03
CA ALA D 53 34.09 9.18 -33.98
C ALA D 53 34.70 7.88 -34.53
N ALA D 54 35.08 7.91 -35.83
CA ALA D 54 35.69 6.81 -36.57
C ALA D 54 36.79 7.33 -37.52
N PRO D 59 26.50 6.26 -30.82
CA PRO D 59 27.45 6.96 -31.69
C PRO D 59 26.76 7.83 -32.74
N ILE D 60 26.23 7.23 -33.84
CA ILE D 60 25.51 7.89 -34.95
C ILE D 60 24.26 8.62 -34.41
N ILE D 61 23.62 8.03 -33.38
CA ILE D 61 22.46 8.58 -32.69
C ILE D 61 22.85 9.74 -31.76
N HIS D 62 24.03 9.67 -31.09
CA HIS D 62 24.49 10.69 -30.14
C HIS D 62 24.75 12.07 -30.74
N PHE D 63 25.19 12.13 -32.02
CA PHE D 63 25.42 13.41 -32.72
C PHE D 63 24.08 14.11 -32.99
N TYR D 64 22.99 13.31 -33.06
CA TYR D 64 21.61 13.76 -33.26
C TYR D 64 20.91 13.94 -31.91
N GLU D 65 21.29 13.14 -30.89
CA GLU D 65 20.70 13.16 -29.55
C GLU D 65 20.87 14.50 -28.88
N VAL D 66 22.04 15.13 -29.05
CA VAL D 66 22.38 16.45 -28.49
C VAL D 66 21.53 17.56 -29.11
N LEU D 67 21.22 17.43 -30.42
CA LEU D 67 20.41 18.37 -31.19
C LEU D 67 18.98 18.45 -30.66
N ILE D 68 18.45 17.31 -30.16
CA ILE D 68 17.09 17.24 -29.58
C ILE D 68 17.13 17.79 -28.16
N TYR D 69 18.18 17.44 -27.39
CA TYR D 69 18.37 17.91 -26.01
C TYR D 69 18.62 19.41 -25.92
N SER D 70 19.26 20.00 -26.96
CA SER D 70 19.51 21.45 -27.05
C SER D 70 18.21 22.14 -27.44
N ASP D 71 17.42 21.47 -28.30
CA ASP D 71 16.12 21.93 -28.78
C ASP D 71 15.15 21.98 -27.62
N ILE D 72 14.88 20.80 -26.99
CA ILE D 72 13.97 20.64 -25.85
C ILE D 72 14.36 21.45 -24.59
N GLU D 73 15.63 21.94 -24.52
CA GLU D 73 16.13 22.78 -23.44
C GLU D 73 15.46 24.14 -23.63
N ARG D 74 15.73 24.81 -24.78
CA ARG D 74 15.21 26.11 -25.18
C ARG D 74 13.69 26.13 -25.43
N LYS D 75 13.10 24.98 -25.82
CA LYS D 75 11.65 24.84 -26.03
C LYS D 75 10.96 24.88 -24.66
N LYS D 76 11.49 24.11 -23.68
CA LYS D 76 11.00 24.05 -22.30
C LYS D 76 11.23 25.38 -21.59
N GLN D 77 12.31 26.11 -21.95
CA GLN D 77 12.61 27.44 -21.42
C GLN D 77 11.39 28.31 -21.75
N PHE D 78 11.00 28.34 -23.05
CA PHE D 78 9.86 29.07 -23.57
C PHE D 78 8.54 28.58 -22.98
N LYS D 79 8.35 27.24 -22.89
CA LYS D 79 7.14 26.66 -22.29
C LYS D 79 7.01 27.06 -20.81
N ASP D 80 8.15 27.14 -20.09
CA ASP D 80 8.18 27.57 -18.69
C ASP D 80 8.17 29.11 -18.58
N GLN D 81 8.41 29.82 -19.71
CA GLN D 81 8.40 31.28 -19.80
C GLN D 81 6.97 31.81 -19.90
N VAL D 82 6.11 31.09 -20.64
CA VAL D 82 4.70 31.44 -20.81
C VAL D 82 3.90 31.23 -19.50
N ILE D 83 4.35 30.27 -18.66
CA ILE D 83 3.77 29.90 -17.37
C ILE D 83 3.82 31.09 -16.41
N MET D 84 5.02 31.68 -16.21
CA MET D 84 5.27 32.82 -15.32
C MET D 84 4.39 34.02 -15.64
N LEU D 85 4.25 34.34 -16.94
CA LEU D 85 3.42 35.44 -17.42
C LEU D 85 1.93 35.17 -17.26
N CYS D 86 1.51 33.89 -17.40
CA CYS D 86 0.11 33.44 -17.25
C CYS D 86 -0.37 33.69 -15.82
N LYS D 87 0.50 33.39 -14.82
CA LYS D 87 0.23 33.59 -13.40
C LYS D 87 0.26 35.10 -13.10
N GLN D 88 1.24 35.82 -13.71
CA GLN D 88 1.38 37.28 -13.62
C GLN D 88 0.19 37.98 -14.26
N LYS D 89 -0.54 37.25 -15.14
CA LYS D 89 -1.70 37.70 -15.92
C LYS D 89 -1.32 38.82 -16.90
N ARG D 90 -0.08 38.72 -17.44
CA ARG D 90 0.52 39.65 -18.40
C ARG D 90 0.30 39.12 -19.82
N TYR D 91 -0.98 38.97 -20.18
CA TYR D 91 -1.47 38.42 -21.45
C TYR D 91 -0.94 39.07 -22.73
N LYS D 92 -0.84 40.42 -22.77
CA LYS D 92 -0.33 41.13 -23.96
C LYS D 92 1.14 40.77 -24.22
N GLU D 93 1.92 40.57 -23.13
CA GLU D 93 3.32 40.17 -23.21
C GLU D 93 3.45 38.70 -23.62
N ILE D 94 2.40 37.88 -23.38
CA ILE D 94 2.33 36.48 -23.82
C ILE D 94 2.05 36.55 -25.31
N TYR D 95 0.96 37.28 -25.69
CA TYR D 95 0.49 37.54 -27.05
C TYR D 95 1.62 37.98 -27.98
N ASN D 96 2.46 38.92 -27.50
CA ASN D 96 3.61 39.45 -28.25
C ASN D 96 4.72 38.41 -28.37
N LYS D 97 5.13 37.80 -27.24
CA LYS D 97 6.19 36.76 -27.20
C LYS D 97 5.83 35.51 -28.00
N VAL D 98 4.53 35.18 -28.04
CA VAL D 98 4.00 34.04 -28.78
C VAL D 98 3.83 34.35 -30.28
N TRP D 99 3.77 35.65 -30.64
CA TRP D 99 3.65 36.11 -32.02
C TRP D 99 5.04 36.22 -32.65
N ASN D 100 6.00 36.87 -31.94
CA ASN D 100 7.39 37.05 -32.39
C ASN D 100 8.10 35.72 -32.62
N GLU D 101 7.82 34.72 -31.76
CA GLU D 101 8.38 33.36 -31.89
C GLU D 101 7.73 32.66 -33.09
N LEU D 102 6.41 32.85 -33.27
CA LEU D 102 5.61 32.31 -34.37
C LEU D 102 6.03 32.94 -35.72
N LYS D 103 6.39 34.25 -35.68
CA LYS D 103 6.86 35.07 -36.81
C LYS D 103 8.10 34.42 -37.45
N LYS D 104 8.97 33.81 -36.62
CA LYS D 104 10.17 33.10 -37.05
C LYS D 104 9.70 31.82 -37.73
N GLU D 105 9.97 31.70 -39.03
CA GLU D 105 9.55 30.55 -39.82
C GLU D 105 10.28 29.29 -39.39
N GLU D 106 9.59 28.48 -38.57
CA GLU D 106 10.10 27.23 -38.01
C GLU D 106 9.02 26.17 -38.16
N TYR D 107 9.42 24.95 -38.53
CA TYR D 107 8.50 23.82 -38.70
C TYR D 107 8.58 22.81 -37.56
N HIS D 108 7.50 22.71 -36.78
CA HIS D 108 7.31 21.78 -35.65
C HIS D 108 5.82 21.69 -35.35
N PRO D 109 5.14 20.57 -35.75
CA PRO D 109 3.68 20.49 -35.52
C PRO D 109 3.23 20.52 -34.05
N GLU D 110 4.10 20.08 -33.13
CA GLU D 110 3.83 20.03 -31.69
C GLU D 110 4.09 21.36 -30.98
N PHE D 111 5.14 22.10 -31.39
CA PHE D 111 5.47 23.40 -30.80
C PHE D 111 4.58 24.50 -31.34
N GLN D 112 4.26 24.46 -32.65
CA GLN D 112 3.38 25.43 -33.32
C GLN D 112 1.99 25.40 -32.69
N GLN D 113 1.42 24.18 -32.51
CA GLN D 113 0.11 23.93 -31.90
C GLN D 113 -0.01 24.63 -30.55
N PHE D 114 1.04 24.50 -29.69
CA PHE D 114 1.11 25.13 -28.37
C PHE D 114 1.12 26.65 -28.52
N LEU D 115 2.05 27.17 -29.35
CA LEU D 115 2.20 28.60 -29.64
C LEU D 115 0.87 29.20 -30.05
N GLN D 116 0.25 28.65 -31.13
CA GLN D 116 -1.03 29.10 -31.63
C GLN D 116 -2.20 28.90 -30.64
N TRP D 117 -2.11 27.88 -29.73
CA TRP D 117 -3.11 27.66 -28.68
C TRP D 117 -3.06 28.84 -27.72
N GLN D 118 -1.84 29.19 -27.28
CA GLN D 118 -1.60 30.31 -26.38
C GLN D 118 -1.98 31.64 -27.03
N TYR D 119 -1.79 31.75 -28.37
CA TYR D 119 -2.12 32.93 -29.17
C TYR D 119 -3.63 33.19 -29.23
N TYR D 120 -4.43 32.15 -29.57
CA TYR D 120 -5.89 32.27 -29.67
C TYR D 120 -6.51 32.61 -28.33
N VAL D 121 -6.13 31.87 -27.26
CA VAL D 121 -6.64 32.10 -25.91
C VAL D 121 -6.25 33.50 -25.38
N ALA D 122 -4.98 33.94 -25.63
CA ALA D 122 -4.49 35.27 -25.23
C ALA D 122 -5.34 36.35 -25.90
N ALA D 123 -5.58 36.21 -27.23
CA ALA D 123 -6.41 37.11 -28.02
C ALA D 123 -7.83 37.13 -27.45
N TYR D 124 -8.36 35.94 -27.08
CA TYR D 124 -9.68 35.82 -26.46
C TYR D 124 -9.71 36.56 -25.12
N VAL D 125 -8.64 36.42 -24.32
CA VAL D 125 -8.48 37.08 -23.02
C VAL D 125 -8.41 38.59 -23.22
N LEU D 126 -7.51 39.05 -24.12
CA LEU D 126 -7.33 40.47 -24.50
C LEU D 126 -8.58 41.03 -25.21
N LYS D 127 -9.62 40.19 -25.39
CA LYS D 127 -10.90 40.46 -26.05
C LYS D 127 -10.76 40.85 -27.54
N LYS D 128 -9.69 40.33 -28.18
CA LYS D 128 -9.37 40.54 -29.59
C LYS D 128 -10.26 39.66 -30.46
N VAL D 129 -10.57 38.43 -30.00
CA VAL D 129 -11.44 37.50 -30.72
C VAL D 129 -12.71 37.18 -29.92
N ASP D 130 -13.72 36.58 -30.59
CA ASP D 130 -14.99 36.17 -30.01
C ASP D 130 -14.81 34.86 -29.26
N TYR D 131 -15.77 34.51 -28.36
CA TYR D 131 -15.74 33.25 -27.62
C TYR D 131 -15.85 32.08 -28.60
N GLU D 132 -16.73 32.21 -29.62
CA GLU D 132 -16.96 31.20 -30.65
C GLU D 132 -15.83 31.13 -31.66
N TYR D 133 -15.31 32.30 -32.11
CA TYR D 133 -14.19 32.37 -33.06
C TYR D 133 -13.01 31.61 -32.48
N CYS D 134 -12.73 31.84 -31.17
CA CYS D 134 -11.68 31.18 -30.40
C CYS D 134 -11.89 29.66 -30.42
N ILE D 135 -13.13 29.19 -30.06
CA ILE D 135 -13.55 27.79 -30.04
C ILE D 135 -13.21 27.10 -31.37
N LEU D 136 -13.56 27.76 -32.49
CA LEU D 136 -13.31 27.29 -33.86
C LEU D 136 -11.82 27.17 -34.15
N GLU D 137 -11.04 28.25 -33.88
CA GLU D 137 -9.60 28.31 -34.10
C GLU D 137 -8.86 27.33 -33.21
N LEU D 138 -9.44 26.96 -32.05
CA LEU D 138 -8.86 25.98 -31.14
C LEU D 138 -9.21 24.57 -31.59
N LYS D 139 -10.48 24.34 -31.99
CA LYS D 139 -11.00 23.05 -32.46
C LYS D 139 -10.18 22.44 -33.60
N LYS D 140 -9.74 23.28 -34.55
CA LYS D 140 -8.94 22.85 -35.71
C LYS D 140 -7.59 22.24 -35.33
N LEU D 141 -6.95 22.76 -34.26
CA LEU D 141 -5.67 22.25 -33.75
C LEU D 141 -5.90 20.89 -33.11
N LEU D 142 -7.04 20.74 -32.41
CA LEU D 142 -7.44 19.53 -31.72
C LEU D 142 -7.80 18.39 -32.68
N ASN D 143 -8.68 18.65 -33.68
CA ASN D 143 -9.12 17.62 -34.63
C ASN D 143 -8.10 17.22 -35.72
N GLN D 144 -7.02 18.01 -35.89
CA GLN D 144 -5.96 17.73 -36.87
C GLN D 144 -4.59 17.81 -36.19
N GLN D 145 -4.02 16.65 -35.81
CA GLN D 145 -2.73 16.53 -35.11
C GLN D 145 -2.00 15.20 -35.38
N LEU D 146 -0.76 15.06 -34.85
CA LEU D 146 0.09 13.88 -34.93
C LEU D 146 1.15 13.90 -33.82
N THR D 147 0.69 14.14 -32.56
CA THR D 147 1.51 14.26 -31.35
C THR D 147 2.36 13.03 -30.99
N GLY D 148 3.63 13.29 -30.74
CA GLY D 148 4.62 12.29 -30.35
C GLY D 148 5.61 12.78 -29.31
N ILE D 149 5.18 13.73 -28.44
CA ILE D 149 5.98 14.30 -27.35
C ILE D 149 5.14 14.51 -26.07
N ASP D 150 4.22 15.50 -26.09
CA ASP D 150 3.33 15.82 -24.98
C ASP D 150 1.92 15.38 -25.33
N VAL D 151 1.54 14.20 -24.83
CA VAL D 151 0.23 13.59 -25.06
C VAL D 151 -0.87 14.38 -24.35
N TYR D 152 -0.51 15.01 -23.23
CA TYR D 152 -1.41 15.81 -22.40
C TYR D 152 -1.67 17.21 -22.99
N GLN D 153 -0.94 17.61 -24.07
CA GLN D 153 -1.09 18.94 -24.71
C GLN D 153 -2.47 19.15 -25.31
N ASN D 154 -3.03 18.12 -25.95
CA ASN D 154 -4.35 18.19 -26.55
C ASN D 154 -5.46 18.18 -25.49
N LEU D 155 -5.14 17.66 -24.28
CA LEU D 155 -6.05 17.65 -23.15
C LEU D 155 -6.19 19.05 -22.57
N TYR D 156 -5.08 19.83 -22.56
CA TYR D 156 -5.06 21.21 -22.06
C TYR D 156 -5.93 22.09 -22.93
N ILE D 157 -5.93 21.84 -24.26
CA ILE D 157 -6.72 22.55 -25.28
C ILE D 157 -8.21 22.28 -25.03
N GLU D 158 -8.58 21.01 -24.76
CA GLU D 158 -9.95 20.57 -24.46
C GLU D 158 -10.47 21.33 -23.24
N ASN D 159 -9.66 21.40 -22.17
CA ASN D 159 -9.97 22.14 -20.95
C ASN D 159 -10.09 23.63 -21.30
N ALA D 160 -9.17 24.16 -22.15
CA ALA D 160 -9.18 25.56 -22.62
C ALA D 160 -10.49 25.88 -23.36
N ILE D 161 -11.01 24.91 -24.15
CA ILE D 161 -12.27 25.04 -24.87
C ILE D 161 -13.42 24.97 -23.84
N ALA D 162 -13.44 23.89 -23.02
CA ALA D 162 -14.45 23.61 -22.00
C ALA D 162 -14.59 24.70 -20.93
N ASN D 163 -13.46 25.22 -20.39
CA ASN D 163 -13.53 26.27 -19.37
C ASN D 163 -13.98 27.64 -19.91
N ILE D 164 -14.00 27.81 -21.25
CA ILE D 164 -14.45 29.06 -21.88
C ILE D 164 -15.90 28.98 -22.38
N TYR D 165 -16.72 28.26 -21.62
CA TYR D 165 -18.17 28.05 -21.78
C TYR D 165 -18.84 28.58 -20.50
N ALA D 166 -18.03 28.81 -19.45
CA ALA D 166 -18.42 29.30 -18.13
C ALA D 166 -19.00 30.72 -18.18
N GLU D 167 -18.18 31.74 -18.54
CA GLU D 167 -18.66 33.12 -18.67
C GLU D 167 -19.34 33.29 -20.04
N ASN D 168 -20.06 32.23 -20.46
CA ASN D 168 -20.77 32.12 -21.73
C ASN D 168 -22.12 31.41 -21.55
N GLY D 169 -22.22 30.58 -20.52
CA GLY D 169 -23.45 29.88 -20.14
C GLY D 169 -23.80 28.61 -20.89
N TYR D 170 -22.86 28.06 -21.68
CA TYR D 170 -23.11 26.81 -22.41
C TYR D 170 -22.51 25.63 -21.63
N LEU D 171 -22.38 25.82 -20.31
CA LEU D 171 -21.85 24.90 -19.28
C LEU D 171 -22.38 23.47 -19.36
N LYS D 172 -23.58 23.27 -19.91
CA LYS D 172 -24.21 21.95 -20.11
C LYS D 172 -23.36 21.14 -21.10
N LYS D 173 -22.84 21.83 -22.14
CA LYS D 173 -21.95 21.26 -23.16
C LYS D 173 -20.51 21.29 -22.61
N GLY D 174 -20.25 22.24 -21.70
CA GLY D 174 -18.96 22.41 -21.04
C GLY D 174 -18.62 21.20 -20.18
N ILE D 175 -19.59 20.75 -19.35
CA ILE D 175 -19.49 19.59 -18.46
C ILE D 175 -19.23 18.31 -19.28
N ASP D 176 -19.90 18.17 -20.45
CA ASP D 176 -19.74 17.04 -21.36
C ASP D 176 -18.26 16.87 -21.75
N LEU D 177 -17.58 17.99 -22.06
CA LEU D 177 -16.16 17.98 -22.41
C LEU D 177 -15.25 17.75 -21.19
N PHE D 178 -15.70 18.18 -19.99
CA PHE D 178 -14.97 17.97 -18.73
C PHE D 178 -15.04 16.49 -18.32
N GLU D 179 -16.20 15.84 -18.53
CA GLU D 179 -16.45 14.42 -18.24
C GLU D 179 -15.68 13.56 -19.25
N GLN D 180 -15.45 14.11 -20.47
CA GLN D 180 -14.71 13.49 -21.57
C GLN D 180 -13.22 13.40 -21.24
N ILE D 181 -12.74 14.26 -20.31
CA ILE D 181 -11.35 14.29 -19.84
C ILE D 181 -11.12 13.17 -18.79
N LEU D 182 -12.13 12.88 -17.94
CA LEU D 182 -12.13 11.82 -16.92
C LEU D 182 -11.78 10.44 -17.50
N LYS D 183 -12.33 10.14 -18.70
CA LYS D 183 -12.10 8.89 -19.43
C LYS D 183 -10.62 8.78 -19.87
N GLN D 184 -10.02 9.93 -20.26
CA GLN D 184 -8.63 10.06 -20.71
C GLN D 184 -7.63 10.12 -19.55
N LEU D 185 -8.14 10.36 -18.33
CA LEU D 185 -7.33 10.42 -17.11
C LEU D 185 -6.83 9.05 -16.67
N GLU D 186 -7.67 7.99 -16.83
CA GLU D 186 -7.34 6.61 -16.48
C GLU D 186 -6.22 6.03 -17.36
N ALA D 187 -6.12 6.52 -18.62
CA ALA D 187 -5.08 6.10 -19.56
C ALA D 187 -3.75 6.76 -19.16
N LEU D 188 -2.99 6.07 -18.29
CA LEU D 188 -1.71 6.46 -17.68
C LEU D 188 -1.71 7.82 -16.97
N HIS D 189 -2.00 7.78 -15.66
CA HIS D 189 -2.08 8.92 -14.74
C HIS D 189 -0.65 9.43 -14.47
N ASP D 190 -0.16 10.29 -15.36
CA ASP D 190 1.19 10.85 -15.27
C ASP D 190 1.19 12.21 -14.57
N ASN D 191 0.35 13.15 -15.04
CA ASN D 191 0.26 14.50 -14.50
C ASN D 191 -1.02 14.69 -13.68
N GLU D 192 -0.87 14.62 -12.35
CA GLU D 192 -1.96 14.77 -11.39
C GLU D 192 -2.29 16.24 -11.17
N GLU D 193 -1.30 17.14 -11.38
CA GLU D 193 -1.44 18.58 -11.22
C GLU D 193 -2.48 19.16 -12.20
N PHE D 194 -2.63 18.52 -13.38
CA PHE D 194 -3.62 18.92 -14.37
C PHE D 194 -5.02 18.46 -13.95
N ASP D 195 -5.13 17.27 -13.30
CA ASP D 195 -6.40 16.75 -12.82
C ASP D 195 -7.04 17.79 -11.91
N VAL D 196 -6.27 18.31 -10.95
CA VAL D 196 -6.65 19.35 -10.00
C VAL D 196 -7.17 20.62 -10.71
N LYS D 197 -6.57 21.00 -11.87
CA LYS D 197 -7.02 22.15 -12.67
C LYS D 197 -8.36 21.86 -13.36
N VAL D 198 -8.55 20.63 -13.88
CA VAL D 198 -9.79 20.21 -14.57
C VAL D 198 -10.92 19.98 -13.57
N ARG D 199 -10.69 19.14 -12.53
CA ARG D 199 -11.66 18.81 -11.48
C ARG D 199 -12.19 20.06 -10.79
N TYR D 200 -11.30 21.06 -10.56
CA TYR D 200 -11.68 22.34 -9.96
C TYR D 200 -12.57 23.14 -10.90
N ASN D 201 -12.23 23.16 -12.21
CA ASN D 201 -12.99 23.85 -13.25
C ASN D 201 -14.33 23.16 -13.52
N HIS D 202 -14.39 21.82 -13.32
CA HIS D 202 -15.57 20.99 -13.48
C HIS D 202 -16.55 21.34 -12.35
N ALA D 203 -16.03 21.34 -11.09
CA ALA D 203 -16.77 21.65 -9.87
C ALA D 203 -17.17 23.14 -9.78
N LYS D 204 -16.42 24.03 -10.47
CA LYS D 204 -16.69 25.46 -10.52
C LYS D 204 -17.99 25.73 -11.28
N ALA D 205 -18.19 25.02 -12.42
CA ALA D 205 -19.36 25.10 -13.31
C ALA D 205 -20.58 24.36 -12.77
N LEU D 206 -20.38 23.22 -12.08
CA LEU D 206 -21.45 22.43 -11.49
C LEU D 206 -22.21 23.25 -10.45
N TYR D 207 -21.48 24.07 -9.68
CA TYR D 207 -22.00 24.99 -8.67
C TYR D 207 -22.72 26.17 -9.38
N LEU D 208 -22.26 26.56 -10.60
CA LEU D 208 -22.85 27.64 -11.39
C LEU D 208 -24.17 27.24 -12.03
N ASP D 209 -24.28 25.96 -12.42
CA ASP D 209 -25.50 25.34 -12.97
C ASP D 209 -26.50 25.11 -11.81
N SER D 210 -26.00 25.24 -10.55
CA SER D 210 -26.68 25.07 -9.27
C SER D 210 -27.02 23.60 -8.94
N ARG D 211 -26.07 22.70 -9.31
CA ARG D 211 -26.06 21.26 -9.09
C ARG D 211 -25.04 21.02 -7.96
N TYR D 212 -25.50 21.24 -6.71
CA TYR D 212 -24.70 21.14 -5.48
C TYR D 212 -24.35 19.68 -5.06
N GLU D 213 -24.85 18.68 -5.84
CA GLU D 213 -24.64 17.25 -5.59
C GLU D 213 -23.20 16.82 -5.91
N GLU D 214 -22.88 16.62 -7.20
CA GLU D 214 -21.56 16.17 -7.65
C GLU D 214 -20.49 17.27 -7.75
N SER D 215 -20.84 18.50 -7.32
CA SER D 215 -19.92 19.63 -7.24
C SER D 215 -19.01 19.37 -6.03
N LEU D 216 -19.57 18.72 -4.98
CA LEU D 216 -18.90 18.33 -3.75
C LEU D 216 -18.00 17.11 -4.01
N TYR D 217 -18.48 16.14 -4.82
CA TYR D 217 -17.76 14.93 -5.21
C TYR D 217 -16.47 15.30 -5.96
N GLN D 218 -16.60 16.21 -6.96
CA GLN D 218 -15.49 16.70 -7.80
C GLN D 218 -14.44 17.47 -7.03
N VAL D 219 -14.86 18.30 -6.04
CA VAL D 219 -13.96 19.08 -5.16
C VAL D 219 -13.14 18.08 -4.34
N ASN D 220 -13.82 17.21 -3.55
CA ASN D 220 -13.21 16.20 -2.69
C ASN D 220 -12.39 15.15 -3.43
N LYS D 221 -12.59 15.01 -4.75
CA LYS D 221 -11.80 14.09 -5.57
C LYS D 221 -10.45 14.75 -5.89
N ALA D 222 -10.46 16.08 -6.10
CA ALA D 222 -9.27 16.89 -6.37
C ALA D 222 -8.49 17.18 -5.10
N ILE D 223 -9.20 17.36 -3.96
CA ILE D 223 -8.66 17.58 -2.60
C ILE D 223 -7.84 16.33 -2.24
N GLU D 224 -8.39 15.14 -2.54
CA GLU D 224 -7.79 13.81 -2.34
C GLU D 224 -6.44 13.75 -3.10
N ILE D 225 -6.43 14.20 -4.38
CA ILE D 225 -5.26 14.22 -5.26
C ILE D 225 -4.21 15.25 -4.77
N SER D 226 -4.65 16.48 -4.44
CA SER D 226 -3.79 17.56 -3.94
C SER D 226 -3.02 17.15 -2.67
N CYS D 227 -3.62 16.28 -1.83
CA CYS D 227 -3.00 15.78 -0.61
C CYS D 227 -2.00 14.66 -0.89
N ARG D 228 -2.22 13.88 -1.97
CA ARG D 228 -1.33 12.78 -2.37
C ARG D 228 -0.21 13.22 -3.31
N ILE D 229 -0.42 14.31 -4.07
CA ILE D 229 0.58 14.85 -4.99
C ILE D 229 1.38 15.98 -4.34
N ASN D 230 0.94 16.44 -3.14
CA ASN D 230 1.53 17.51 -2.33
C ASN D 230 1.61 18.86 -3.08
N SER D 231 0.48 19.26 -3.68
CA SER D 231 0.34 20.52 -4.42
C SER D 231 -0.83 21.32 -3.87
N MET D 232 -0.52 22.44 -3.20
CA MET D 232 -1.52 23.33 -2.62
C MET D 232 -1.92 24.45 -3.59
N ALA D 233 -1.68 24.22 -4.90
CA ALA D 233 -1.94 25.13 -6.03
C ALA D 233 -3.39 25.63 -6.10
N LEU D 234 -4.37 24.71 -6.04
CA LEU D 234 -5.79 25.03 -6.10
C LEU D 234 -6.51 24.77 -4.76
N ILE D 235 -5.80 24.18 -3.77
CA ILE D 235 -6.26 23.81 -2.42
C ILE D 235 -7.06 24.89 -1.67
N GLY D 236 -6.60 26.14 -1.74
CA GLY D 236 -7.27 27.27 -1.11
C GLY D 236 -8.62 27.52 -1.74
N GLN D 237 -8.63 27.52 -3.08
CA GLN D 237 -9.79 27.70 -3.94
C GLN D 237 -10.71 26.47 -3.86
N LEU D 238 -10.13 25.29 -3.61
CA LEU D 238 -10.85 24.01 -3.51
C LEU D 238 -11.64 23.92 -2.21
N TYR D 239 -11.04 24.30 -1.06
CA TYR D 239 -11.73 24.27 0.23
C TYR D 239 -12.80 25.36 0.30
N TYR D 240 -12.57 26.50 -0.38
CA TYR D 240 -13.49 27.64 -0.49
C TYR D 240 -14.77 27.19 -1.19
N GLN D 241 -14.64 26.31 -2.19
CA GLN D 241 -15.77 25.73 -2.94
C GLN D 241 -16.44 24.66 -2.09
N ARG D 242 -15.68 23.92 -1.24
CA ARG D 242 -16.23 22.90 -0.34
C ARG D 242 -17.12 23.59 0.71
N GLY D 243 -16.63 24.70 1.29
CA GLY D 243 -17.34 25.51 2.26
C GLY D 243 -18.60 26.15 1.71
N GLU D 244 -18.58 26.49 0.40
CA GLU D 244 -19.70 27.09 -0.33
C GLU D 244 -20.67 26.03 -0.85
N CYS D 245 -20.16 24.82 -1.18
CA CYS D 245 -20.98 23.70 -1.65
C CYS D 245 -21.75 23.11 -0.47
N LEU D 246 -21.12 23.12 0.73
CA LEU D 246 -21.74 22.64 1.97
C LEU D 246 -22.71 23.69 2.53
N ARG D 247 -22.52 24.97 2.13
CA ARG D 247 -23.34 26.12 2.55
C ARG D 247 -24.80 25.99 2.10
N LYS D 248 -25.04 25.29 0.97
CA LYS D 248 -26.39 25.05 0.46
C LYS D 248 -26.62 23.56 0.19
N GLU D 253 -23.68 23.30 9.97
CA GLU D 253 -22.80 24.43 10.24
C GLU D 253 -21.46 24.02 10.89
N ALA D 254 -21.36 22.74 11.33
CA ALA D 254 -20.16 22.17 11.95
C ALA D 254 -19.15 21.76 10.86
N GLU D 255 -19.63 21.06 9.81
CA GLU D 255 -18.82 20.62 8.67
C GLU D 255 -18.53 21.80 7.74
N ILE D 256 -19.43 22.80 7.72
CA ILE D 256 -19.32 24.02 6.93
C ILE D 256 -18.21 24.91 7.51
N GLU D 257 -18.17 25.10 8.84
CA GLU D 257 -17.15 25.86 9.58
C GLU D 257 -15.75 25.21 9.39
N ASP D 258 -15.72 23.85 9.36
CA ASP D 258 -14.53 23.02 9.19
C ASP D 258 -13.80 23.34 7.89
N ALA D 259 -14.52 23.30 6.75
CA ALA D 259 -13.97 23.62 5.42
C ALA D 259 -13.70 25.12 5.25
N TYR D 260 -14.48 25.98 5.94
CA TYR D 260 -14.37 27.45 5.91
C TYR D 260 -13.06 27.93 6.53
N LYS D 261 -12.71 27.41 7.72
CA LYS D 261 -11.49 27.74 8.46
C LYS D 261 -10.25 27.16 7.79
N LYS D 262 -10.40 25.99 7.13
CA LYS D 262 -9.34 25.28 6.38
C LYS D 262 -8.84 26.10 5.21
N ALA D 263 -9.76 26.67 4.40
CA ALA D 263 -9.45 27.50 3.23
C ALA D 263 -8.73 28.78 3.64
N SER D 264 -9.39 29.62 4.49
CA SER D 264 -8.92 30.90 5.03
C SER D 264 -7.45 30.90 5.46
N PHE D 265 -7.00 29.76 6.06
CA PHE D 265 -5.64 29.49 6.50
C PHE D 265 -4.64 29.63 5.32
N PHE D 266 -4.91 28.91 4.21
CA PHE D 266 -4.06 28.88 3.02
C PHE D 266 -3.88 30.23 2.34
N PHE D 267 -4.98 30.97 2.15
CA PHE D 267 -5.05 32.27 1.48
C PHE D 267 -3.94 33.25 1.90
N ASP D 268 -3.64 33.34 3.21
CA ASP D 268 -2.59 34.23 3.71
C ASP D 268 -1.18 33.67 3.51
N ILE D 269 -0.97 32.37 3.84
CA ILE D 269 0.33 31.70 3.71
C ILE D 269 0.81 31.58 2.27
N LEU D 270 -0.12 31.50 1.32
CA LEU D 270 0.16 31.44 -0.11
C LEU D 270 0.24 32.85 -0.71
N GLU D 271 0.11 33.89 0.16
CA GLU D 271 0.19 35.33 -0.16
C GLU D 271 -0.91 35.81 -1.14
N MET D 272 -2.11 35.21 -1.03
CA MET D 272 -3.26 35.55 -1.86
C MET D 272 -4.26 36.39 -1.04
N HIS D 273 -4.13 37.72 -1.11
CA HIS D 273 -4.95 38.69 -0.39
C HIS D 273 -6.23 39.06 -1.14
N ALA D 274 -6.18 39.06 -2.49
CA ALA D 274 -7.30 39.38 -3.39
C ALA D 274 -8.50 38.45 -3.14
N TYR D 275 -8.22 37.15 -3.01
CA TYR D 275 -9.22 36.10 -2.74
C TYR D 275 -9.56 36.05 -1.23
N LYS D 276 -8.69 36.62 -0.37
CA LYS D 276 -8.84 36.69 1.10
C LYS D 276 -9.83 37.81 1.49
N GLU D 277 -9.98 38.83 0.64
CA GLU D 277 -10.89 39.97 0.84
C GLU D 277 -12.36 39.53 0.89
N ALA D 278 -12.75 38.62 -0.03
CA ALA D 278 -14.11 38.08 -0.14
C ALA D 278 -14.32 36.81 0.72
N LEU D 279 -13.74 36.81 1.95
CA LEU D 279 -13.85 35.72 2.92
C LEU D 279 -14.73 36.17 4.08
N VAL D 280 -14.40 37.35 4.68
CA VAL D 280 -15.11 37.98 5.80
C VAL D 280 -16.56 38.36 5.44
N ASN D 281 -16.81 38.67 4.15
CA ASN D 281 -18.14 39.01 3.62
C ASN D 281 -18.99 37.74 3.37
N LYS D 282 -18.41 36.55 3.65
CA LYS D 282 -19.06 35.24 3.47
C LYS D 282 -19.29 34.46 4.77
N ILE D 283 -18.41 34.63 5.78
CA ILE D 283 -18.50 33.93 7.07
C ILE D 283 -19.64 34.47 7.94
N SER D 284 -19.53 35.75 8.37
CA SER D 284 -20.51 36.40 9.24
C SER D 284 -21.79 36.75 8.48
#